data_1DN6
# 
_entry.id   1DN6 
# 
_audit_conform.dict_name       mmcif_pdbx.dic 
_audit_conform.dict_version    5.385 
_audit_conform.dict_location   http://mmcif.pdb.org/dictionaries/ascii/mmcif_pdbx.dic 
# 
loop_
_database_2.database_id 
_database_2.database_code 
_database_2.pdbx_database_accession 
_database_2.pdbx_DOI 
PDB   1DN6         pdb_00001dn6 10.2210/pdb1dn6/pdb 
RCSB  ADI009       ?            ?                   
WWPDB D_1000172851 ?            ?                   
# 
loop_
_pdbx_audit_revision_history.ordinal 
_pdbx_audit_revision_history.data_content_type 
_pdbx_audit_revision_history.major_revision 
_pdbx_audit_revision_history.minor_revision 
_pdbx_audit_revision_history.revision_date 
1 'Structure model' 1 0 1988-01-16 
2 'Structure model' 1 1 2008-05-22 
3 'Structure model' 1 2 2011-07-13 
4 'Structure model' 1 3 2024-02-07 
# 
_pdbx_audit_revision_details.ordinal             1 
_pdbx_audit_revision_details.revision_ordinal    1 
_pdbx_audit_revision_details.data_content_type   'Structure model' 
_pdbx_audit_revision_details.provider            repository 
_pdbx_audit_revision_details.type                'Initial release' 
_pdbx_audit_revision_details.description         ? 
_pdbx_audit_revision_details.details             ? 
# 
loop_
_pdbx_audit_revision_group.ordinal 
_pdbx_audit_revision_group.revision_ordinal 
_pdbx_audit_revision_group.data_content_type 
_pdbx_audit_revision_group.group 
1 2 'Structure model' 'Version format compliance' 
2 3 'Structure model' 'Version format compliance' 
3 4 'Structure model' 'Data collection'           
4 4 'Structure model' 'Database references'       
# 
loop_
_pdbx_audit_revision_category.ordinal 
_pdbx_audit_revision_category.revision_ordinal 
_pdbx_audit_revision_category.data_content_type 
_pdbx_audit_revision_category.category 
1 4 'Structure model' chem_comp_atom 
2 4 'Structure model' chem_comp_bond 
3 4 'Structure model' database_2     
# 
loop_
_pdbx_audit_revision_item.ordinal 
_pdbx_audit_revision_item.revision_ordinal 
_pdbx_audit_revision_item.data_content_type 
_pdbx_audit_revision_item.item 
1 4 'Structure model' '_database_2.pdbx_DOI'                
2 4 'Structure model' '_database_2.pdbx_database_accession' 
# 
_pdbx_database_status.status_code                     REL 
_pdbx_database_status.entry_id                        1DN6 
_pdbx_database_status.recvd_initial_deposition_date   1987-05-11 
_pdbx_database_status.deposit_site                    BNL 
_pdbx_database_status.process_site                    BNL 
_pdbx_database_status.SG_entry                        . 
_pdbx_database_status.pdb_format_compatible           Y 
_pdbx_database_status.status_code_mr                  ? 
_pdbx_database_status.status_code_sf                  ? 
_pdbx_database_status.status_code_cs                  ? 
_pdbx_database_status.status_code_nmr_data            ? 
_pdbx_database_status.methods_development_category    ? 
# 
loop_
_audit_author.name 
_audit_author.pdbx_ordinal 
'McCall, M.'   1 
'Brown, T.'    2 
'Hunter, W.N.' 3 
'Kennard, O.'  4 
# 
_citation.id                        primary 
_citation.title                     
'The crystal structure of d(GGATGGGAG): an essential part of the binding site for transcription factor IIIA.' 
_citation.journal_abbrev            Nature 
_citation.journal_volume            322 
_citation.page_first                661 
_citation.page_last                 664 
_citation.year                      1986 
_citation.journal_id_ASTM           NATUAS 
_citation.country                   UK 
_citation.journal_id_ISSN           0028-0836 
_citation.journal_id_CSD            0006 
_citation.book_publisher            ? 
_citation.pdbx_database_id_PubMed   3748146 
_citation.pdbx_database_id_DOI      10.1038/322661a0 
# 
loop_
_citation_author.citation_id 
_citation_author.name 
_citation_author.ordinal 
_citation_author.identifier_ORCID 
primary 'McCall, M.'   1 ? 
primary 'Brown, T.'    2 ? 
primary 'Hunter, W.N.' 3 ? 
primary 'Kennard, O.'  4 ? 
# 
loop_
_entity.id 
_entity.type 
_entity.src_method 
_entity.pdbx_description 
_entity.formula_weight 
_entity.pdbx_number_of_molecules 
_entity.pdbx_ec 
_entity.pdbx_mutation 
_entity.pdbx_fragment 
_entity.details 
1 polymer syn 
;DNA (5'-D(*GP*GP*AP*TP*GP*GP*GP*AP*G)-3')
;
2860.884 1 ? ? ? ? 
2 polymer syn 
;DNA (5'-D(*CP*TP*CP*CP*CP*AP*TP*CP*C)-3')
;
2611.726 1 ? ? ? ? 
# 
loop_
_entity_poly.entity_id 
_entity_poly.type 
_entity_poly.nstd_linkage 
_entity_poly.nstd_monomer 
_entity_poly.pdbx_seq_one_letter_code 
_entity_poly.pdbx_seq_one_letter_code_can 
_entity_poly.pdbx_strand_id 
_entity_poly.pdbx_target_identifier 
1 polydeoxyribonucleotide no no '(DG)(DG)(DA)(DT)(DG)(DG)(DG)(DA)(DG)' GGATGGGAG A ? 
2 polydeoxyribonucleotide no no '(DC)(DT)(DC)(DC)(DC)(DA)(DT)(DC)(DC)' CTCCCATCC B ? 
# 
loop_
_entity_poly_seq.entity_id 
_entity_poly_seq.num 
_entity_poly_seq.mon_id 
_entity_poly_seq.hetero 
1 1 DG n 
1 2 DG n 
1 3 DA n 
1 4 DT n 
1 5 DG n 
1 6 DG n 
1 7 DG n 
1 8 DA n 
1 9 DG n 
2 1 DC n 
2 2 DT n 
2 3 DC n 
2 4 DC n 
2 5 DC n 
2 6 DA n 
2 7 DT n 
2 8 DC n 
2 9 DC n 
# 
loop_
_chem_comp.id 
_chem_comp.type 
_chem_comp.mon_nstd_flag 
_chem_comp.name 
_chem_comp.pdbx_synonyms 
_chem_comp.formula 
_chem_comp.formula_weight 
DA 'DNA linking' y "2'-DEOXYADENOSINE-5'-MONOPHOSPHATE" ? 'C10 H14 N5 O6 P' 331.222 
DC 'DNA linking' y "2'-DEOXYCYTIDINE-5'-MONOPHOSPHATE"  ? 'C9 H14 N3 O7 P'  307.197 
DG 'DNA linking' y "2'-DEOXYGUANOSINE-5'-MONOPHOSPHATE" ? 'C10 H14 N5 O7 P' 347.221 
DT 'DNA linking' y "THYMIDINE-5'-MONOPHOSPHATE"         ? 'C10 H15 N2 O8 P' 322.208 
# 
loop_
_pdbx_poly_seq_scheme.asym_id 
_pdbx_poly_seq_scheme.entity_id 
_pdbx_poly_seq_scheme.seq_id 
_pdbx_poly_seq_scheme.mon_id 
_pdbx_poly_seq_scheme.ndb_seq_num 
_pdbx_poly_seq_scheme.pdb_seq_num 
_pdbx_poly_seq_scheme.auth_seq_num 
_pdbx_poly_seq_scheme.pdb_mon_id 
_pdbx_poly_seq_scheme.auth_mon_id 
_pdbx_poly_seq_scheme.pdb_strand_id 
_pdbx_poly_seq_scheme.pdb_ins_code 
_pdbx_poly_seq_scheme.hetero 
A 1 1 DG 1 1  1  DG G A . n 
A 1 2 DG 2 2  2  DG G A . n 
A 1 3 DA 3 3  3  DA A A . n 
A 1 4 DT 4 4  4  DT T A . n 
A 1 5 DG 5 5  5  DG G A . n 
A 1 6 DG 6 6  6  DG G A . n 
A 1 7 DG 7 7  7  DG G A . n 
A 1 8 DA 8 8  8  DA A A . n 
A 1 9 DG 9 9  9  DG G A . n 
B 2 1 DC 1 10 10 DC C B . n 
B 2 2 DT 2 11 11 DT T B . n 
B 2 3 DC 3 12 12 DC C B . n 
B 2 4 DC 4 13 13 DC C B . n 
B 2 5 DC 5 14 14 DC C B . n 
B 2 6 DA 6 15 15 DA A B . n 
B 2 7 DT 7 16 16 DT T B . n 
B 2 8 DC 8 17 17 DC C B . n 
B 2 9 DC 9 18 18 DC C B . n 
# 
_software.name             NUCLSQ 
_software.classification   refinement 
_software.version          . 
_software.citation_id      ? 
_software.pdbx_ordinal     1 
# 
_cell.entry_id           1DN6 
_cell.length_a           45.290 
_cell.length_b           45.290 
_cell.length_c           24.730 
_cell.angle_alpha        90.00 
_cell.angle_beta         90.00 
_cell.angle_gamma        90.00 
_cell.Z_PDB              4 
_cell.pdbx_unique_axis   ? 
# 
_symmetry.entry_id                         1DN6 
_symmetry.space_group_name_H-M             'P 43' 
_symmetry.pdbx_full_space_group_name_H-M   ? 
_symmetry.cell_setting                     ? 
_symmetry.Int_Tables_number                78 
# 
_exptl.entry_id          1DN6 
_exptl.method            'X-RAY DIFFRACTION' 
_exptl.crystals_number   ? 
# 
_exptl_crystal.id                    1 
_exptl_crystal.density_meas          ? 
_exptl_crystal.density_Matthews      2.32 
_exptl_crystal.density_percent_sol   46.92 
_exptl_crystal.description           ? 
# 
_exptl_crystal_grow.crystal_id      1 
_exptl_crystal_grow.method          'VAPOR DIFFUSION' 
_exptl_crystal_grow.temp            293.00 
_exptl_crystal_grow.temp_details    ? 
_exptl_crystal_grow.pH              ? 
_exptl_crystal_grow.pdbx_details    'VAPOR DIFFUSION, temperature 293.00K' 
_exptl_crystal_grow.pdbx_pH_range   ? 
# 
loop_
_exptl_crystal_grow_comp.crystal_id 
_exptl_crystal_grow_comp.id 
_exptl_crystal_grow_comp.sol_id 
_exptl_crystal_grow_comp.name 
_exptl_crystal_grow_comp.volume 
_exptl_crystal_grow_comp.conc 
_exptl_crystal_grow_comp.details 
1 1 1 WATER           ? ? ? 
1 2 1 MPD             ? ? ? 
1 3 1 'MG ACETATE'    ? ? ? 
1 4 1 'NA CACODYLATE' ? ? ? 
1 5 1 SPERMINE_HCL    ? ? ? 
1 6 2 WATER           ? ? ? 
1 7 2 MPD             ? ? ? 
# 
_diffrn.id                     1 
_diffrn.crystal_id             1 
_diffrn.ambient_temp           ? 
_diffrn.ambient_temp_details   ? 
# 
_diffrn_detector.diffrn_id              1 
_diffrn_detector.detector               DIFFRACTOMETER 
_diffrn_detector.type                   ? 
_diffrn_detector.pdbx_collection_date   ? 
_diffrn_detector.details                ? 
# 
_diffrn_radiation.diffrn_id                        1 
_diffrn_radiation.wavelength_id                    1 
_diffrn_radiation.pdbx_monochromatic_or_laue_m_l   ? 
_diffrn_radiation.monochromator                    ? 
_diffrn_radiation.pdbx_diffrn_protocol             ? 
_diffrn_radiation.pdbx_scattering_type             x-ray 
# 
_diffrn_radiation_wavelength.id           1 
_diffrn_radiation_wavelength.wavelength   . 
_diffrn_radiation_wavelength.wt           1.0 
# 
_diffrn_source.diffrn_id                   1 
_diffrn_source.source                      ? 
_diffrn_source.type                        ? 
_diffrn_source.pdbx_synchrotron_site       ? 
_diffrn_source.pdbx_synchrotron_beamline   ? 
_diffrn_source.pdbx_wavelength             ? 
_diffrn_source.pdbx_wavelength_list        ? 
# 
_reflns.entry_id                     1DN6 
_reflns.observed_criterion_sigma_I   ? 
_reflns.observed_criterion_sigma_F   ? 
_reflns.d_resolution_low             25.000 
_reflns.d_resolution_high            2.700 
_reflns.number_obs                   1459 
_reflns.number_all                   1786 
_reflns.percent_possible_obs         ? 
_reflns.pdbx_Rmerge_I_obs            ? 
_reflns.pdbx_Rsym_value              ? 
_reflns.pdbx_netI_over_sigmaI        ? 
_reflns.B_iso_Wilson_estimate        ? 
_reflns.pdbx_redundancy              ? 
_reflns.pdbx_diffrn_id               1 
_reflns.pdbx_ordinal                 1 
# 
_refine.entry_id                                 1DN6 
_refine.ls_number_reflns_obs                     1032 
_refine.ls_number_reflns_all                     ? 
_refine.pdbx_ls_sigma_I                          ? 
_refine.pdbx_ls_sigma_F                          0.000 
_refine.pdbx_data_cutoff_high_absF               ? 
_refine.pdbx_data_cutoff_low_absF                ? 
_refine.pdbx_data_cutoff_high_rms_absF           ? 
_refine.ls_d_res_low                             10.000 
_refine.ls_d_res_high                            3.000 
_refine.ls_percent_reflns_obs                    ? 
_refine.ls_R_factor_obs                          0.3300000 
_refine.ls_R_factor_all                          ? 
_refine.ls_R_factor_R_work                       ? 
_refine.ls_R_factor_R_free                       ? 
_refine.ls_R_factor_R_free_error                 ? 
_refine.ls_R_factor_R_free_error_details         ? 
_refine.ls_percent_reflns_R_free                 ? 
_refine.ls_number_reflns_R_free                  ? 
_refine.ls_number_parameters                     ? 
_refine.ls_number_restraints                     ? 
_refine.occupancy_min                            ? 
_refine.occupancy_max                            ? 
_refine.B_iso_mean                               ? 
_refine.aniso_B[1][1]                            ? 
_refine.aniso_B[2][2]                            ? 
_refine.aniso_B[3][3]                            ? 
_refine.aniso_B[1][2]                            ? 
_refine.aniso_B[1][3]                            ? 
_refine.aniso_B[2][3]                            ? 
_refine.solvent_model_details                    ? 
_refine.solvent_model_param_ksol                 ? 
_refine.solvent_model_param_bsol                 ? 
_refine.pdbx_ls_cross_valid_method               ? 
_refine.details                                  ? 
_refine.pdbx_starting_model                      ? 
_refine.pdbx_method_to_determine_struct          ? 
_refine.pdbx_isotropic_thermal_model             ? 
_refine.pdbx_stereochemistry_target_values       ? 
_refine.pdbx_stereochem_target_val_spec_case     ? 
_refine.pdbx_R_Free_selection_details            ? 
_refine.pdbx_overall_ESU_R                       ? 
_refine.pdbx_overall_ESU_R_Free                  ? 
_refine.overall_SU_ML                            ? 
_refine.overall_SU_B                             ? 
_refine.pdbx_refine_id                           'X-RAY DIFFRACTION' 
_refine.pdbx_diffrn_id                           1 
_refine.pdbx_TLS_residual_ADP_flag               ? 
_refine.correlation_coeff_Fo_to_Fc               ? 
_refine.correlation_coeff_Fo_to_Fc_free          ? 
_refine.pdbx_solvent_vdw_probe_radii             ? 
_refine.pdbx_solvent_ion_probe_radii             ? 
_refine.pdbx_solvent_shrinkage_radii             ? 
_refine.pdbx_overall_phase_error                 ? 
_refine.overall_SU_R_Cruickshank_DPI             ? 
_refine.pdbx_overall_SU_R_free_Cruickshank_DPI   ? 
_refine.pdbx_overall_SU_R_Blow_DPI               ? 
_refine.pdbx_overall_SU_R_free_Blow_DPI          ? 
# 
_refine_hist.pdbx_refine_id                   'X-RAY DIFFRACTION' 
_refine_hist.cycle_id                         LAST 
_refine_hist.pdbx_number_atoms_protein        0 
_refine_hist.pdbx_number_atoms_nucleic_acid   363 
_refine_hist.pdbx_number_atoms_ligand         0 
_refine_hist.number_atoms_solvent             0 
_refine_hist.number_atoms_total               363 
_refine_hist.d_res_high                       3.000 
_refine_hist.d_res_low                        10.000 
# 
loop_
_refine_ls_restr.type 
_refine_ls_restr.dev_ideal 
_refine_ls_restr.dev_ideal_target 
_refine_ls_restr.weight 
_refine_ls_restr.number 
_refine_ls_restr.pdbx_refine_id 
_refine_ls_restr.pdbx_restraint_function 
n_bond_d               0.022 ? ? ? 'X-RAY DIFFRACTION' ? 
n_angle_d              0.054 ? ? ? 'X-RAY DIFFRACTION' ? 
n_planar_d             ?     ? ? ? 'X-RAY DIFFRACTION' ? 
n_hb_or_metal_coord    ?     ? ? ? 'X-RAY DIFFRACTION' ? 
n_sugar_bond_it        ?     ? ? ? 'X-RAY DIFFRACTION' ? 
n_sugar_angle_it       ?     ? ? ? 'X-RAY DIFFRACTION' ? 
n_phos_bond_it         ?     ? ? ? 'X-RAY DIFFRACTION' ? 
n_phos_angle_it        ?     ? ? ? 'X-RAY DIFFRACTION' ? 
n_bond_angle_restr     ?     ? ? ? 'X-RAY DIFFRACTION' ? 
n_dihedral_angle_restr ?     ? ? ? 'X-RAY DIFFRACTION' ? 
n_impr_tor             ?     ? ? ? 'X-RAY DIFFRACTION' ? 
n_sugar_bond_d         ?     ? ? ? 'X-RAY DIFFRACTION' ? 
n_sugar_bond_angle_d   ?     ? ? ? 'X-RAY DIFFRACTION' ? 
n_phos_bond_d          ?     ? ? ? 'X-RAY DIFFRACTION' ? 
n_phos_bond_angle_d    ?     ? ? ? 'X-RAY DIFFRACTION' ? 
n_plane_restr          ?     ? ? ? 'X-RAY DIFFRACTION' ? 
n_chiral_restr         ?     ? ? ? 'X-RAY DIFFRACTION' ? 
n_singtor_nbd          ?     ? ? ? 'X-RAY DIFFRACTION' ? 
n_multtor_nbd          ?     ? ? ? 'X-RAY DIFFRACTION' ? 
n_xhyhbond_nbd         ?     ? ? ? 'X-RAY DIFFRACTION' ? 
# 
_struct.entry_id                  1DN6 
_struct.title                     
'THE CRYSTAL STRUCTURE OF D(GGATGGGAG). AN ESSENTIAL PART OF THE BINDING SITE FOR TRANSCRIPTION FACTOR IIIA' 
_struct.pdbx_model_details        ? 
_struct.pdbx_CASP_flag            ? 
_struct.pdbx_model_type_details   ? 
# 
_struct_keywords.entry_id        1DN6 
_struct_keywords.pdbx_keywords   DNA 
_struct_keywords.text            'A-DNA, DOUBLE HELIX, DNA' 
# 
loop_
_struct_asym.id 
_struct_asym.pdbx_blank_PDB_chainid_flag 
_struct_asym.pdbx_modified 
_struct_asym.entity_id 
_struct_asym.details 
A N N 1 ? 
B N N 2 ? 
# 
loop_
_struct_ref.id 
_struct_ref.entity_id 
_struct_ref.db_name 
_struct_ref.db_code 
_struct_ref.pdbx_db_accession 
_struct_ref.pdbx_db_isoform 
_struct_ref.pdbx_seq_one_letter_code 
_struct_ref.pdbx_align_begin 
1 1 PDB 1DN6 1DN6 ? ? ? 
2 2 PDB 1DN6 1DN6 ? ? ? 
# 
loop_
_struct_ref_seq.align_id 
_struct_ref_seq.ref_id 
_struct_ref_seq.pdbx_PDB_id_code 
_struct_ref_seq.pdbx_strand_id 
_struct_ref_seq.seq_align_beg 
_struct_ref_seq.pdbx_seq_align_beg_ins_code 
_struct_ref_seq.seq_align_end 
_struct_ref_seq.pdbx_seq_align_end_ins_code 
_struct_ref_seq.pdbx_db_accession 
_struct_ref_seq.db_align_beg 
_struct_ref_seq.pdbx_db_align_beg_ins_code 
_struct_ref_seq.db_align_end 
_struct_ref_seq.pdbx_db_align_end_ins_code 
_struct_ref_seq.pdbx_auth_seq_align_beg 
_struct_ref_seq.pdbx_auth_seq_align_end 
1 1 1DN6 A 1 ? 9 ? 1DN6 1  ? 9  ? 1  9  
2 2 1DN6 B 1 ? 9 ? 1DN6 10 ? 18 ? 10 18 
# 
_pdbx_struct_assembly.id                   1 
_pdbx_struct_assembly.details              author_defined_assembly 
_pdbx_struct_assembly.method_details       ? 
_pdbx_struct_assembly.oligomeric_details   dimeric 
_pdbx_struct_assembly.oligomeric_count     2 
# 
_pdbx_struct_assembly_gen.assembly_id       1 
_pdbx_struct_assembly_gen.oper_expression   1 
_pdbx_struct_assembly_gen.asym_id_list      A,B 
# 
_pdbx_struct_oper_list.id                   1 
_pdbx_struct_oper_list.type                 'identity operation' 
_pdbx_struct_oper_list.name                 1_555 
_pdbx_struct_oper_list.symmetry_operation   x,y,z 
_pdbx_struct_oper_list.matrix[1][1]         1.0000000000 
_pdbx_struct_oper_list.matrix[1][2]         0.0000000000 
_pdbx_struct_oper_list.matrix[1][3]         0.0000000000 
_pdbx_struct_oper_list.vector[1]            0.0000000000 
_pdbx_struct_oper_list.matrix[2][1]         0.0000000000 
_pdbx_struct_oper_list.matrix[2][2]         1.0000000000 
_pdbx_struct_oper_list.matrix[2][3]         0.0000000000 
_pdbx_struct_oper_list.vector[2]            0.0000000000 
_pdbx_struct_oper_list.matrix[3][1]         0.0000000000 
_pdbx_struct_oper_list.matrix[3][2]         0.0000000000 
_pdbx_struct_oper_list.matrix[3][3]         1.0000000000 
_pdbx_struct_oper_list.vector[3]            0.0000000000 
# 
_struct_biol.id   1 
# 
loop_
_struct_conn.id 
_struct_conn.conn_type_id 
_struct_conn.pdbx_leaving_atom_flag 
_struct_conn.pdbx_PDB_id 
_struct_conn.ptnr1_label_asym_id 
_struct_conn.ptnr1_label_comp_id 
_struct_conn.ptnr1_label_seq_id 
_struct_conn.ptnr1_label_atom_id 
_struct_conn.pdbx_ptnr1_label_alt_id 
_struct_conn.pdbx_ptnr1_PDB_ins_code 
_struct_conn.pdbx_ptnr1_standard_comp_id 
_struct_conn.ptnr1_symmetry 
_struct_conn.ptnr2_label_asym_id 
_struct_conn.ptnr2_label_comp_id 
_struct_conn.ptnr2_label_seq_id 
_struct_conn.ptnr2_label_atom_id 
_struct_conn.pdbx_ptnr2_label_alt_id 
_struct_conn.pdbx_ptnr2_PDB_ins_code 
_struct_conn.ptnr1_auth_asym_id 
_struct_conn.ptnr1_auth_comp_id 
_struct_conn.ptnr1_auth_seq_id 
_struct_conn.ptnr2_auth_asym_id 
_struct_conn.ptnr2_auth_comp_id 
_struct_conn.ptnr2_auth_seq_id 
_struct_conn.ptnr2_symmetry 
_struct_conn.pdbx_ptnr3_label_atom_id 
_struct_conn.pdbx_ptnr3_label_seq_id 
_struct_conn.pdbx_ptnr3_label_comp_id 
_struct_conn.pdbx_ptnr3_label_asym_id 
_struct_conn.pdbx_ptnr3_label_alt_id 
_struct_conn.pdbx_ptnr3_PDB_ins_code 
_struct_conn.details 
_struct_conn.pdbx_dist_value 
_struct_conn.pdbx_value_order 
_struct_conn.pdbx_role 
hydrog1  hydrog ? ? A DG 1 N1 ? ? ? 1_555 B DC 9 N3 ? ? A DG 1 B DC 18 1_555 ? ? ? ? ? ? WATSON-CRICK    ? ? ? 
hydrog2  hydrog ? ? A DG 1 N2 ? ? ? 1_555 B DC 9 O2 ? ? A DG 1 B DC 18 1_555 ? ? ? ? ? ? WATSON-CRICK    ? ? ? 
hydrog3  hydrog ? ? A DG 1 O6 ? ? ? 1_555 B DC 9 N4 ? ? A DG 1 B DC 18 1_555 ? ? ? ? ? ? WATSON-CRICK    ? ? ? 
hydrog4  hydrog ? ? A DG 2 N1 ? ? ? 1_555 B DC 8 N3 ? ? A DG 2 B DC 17 1_555 ? ? ? ? ? ? WATSON-CRICK    ? ? ? 
hydrog5  hydrog ? ? A DG 2 N2 ? ? ? 1_555 B DC 8 O2 ? ? A DG 2 B DC 17 1_555 ? ? ? ? ? ? WATSON-CRICK    ? ? ? 
hydrog6  hydrog ? ? A DG 2 O6 ? ? ? 1_555 B DC 8 N4 ? ? A DG 2 B DC 17 1_555 ? ? ? ? ? ? WATSON-CRICK    ? ? ? 
hydrog7  hydrog ? ? A DG 2 N1 ? ? ? 1_555 B DC 9 N3 ? ? A DG 2 B DC 18 1_555 ? ? ? ? ? ? 'DG-DC PAIR'    ? ? ? 
hydrog8  hydrog ? ? A DA 3 N1 ? ? ? 1_555 B DT 7 N3 ? ? A DA 3 B DT 16 1_555 ? ? ? ? ? ? WATSON-CRICK    ? ? ? 
hydrog9  hydrog ? ? A DA 3 N6 ? ? ? 1_555 B DT 7 O4 ? ? A DA 3 B DT 16 1_555 ? ? ? ? ? ? WATSON-CRICK    ? ? ? 
hydrog10 hydrog ? ? A DT 4 N3 ? ? ? 1_555 B DA 6 N1 ? ? A DT 4 B DA 15 1_555 ? ? ? ? ? ? WATSON-CRICK    ? ? ? 
hydrog11 hydrog ? ? A DT 4 O4 ? ? ? 1_555 B DA 6 N6 ? ? A DT 4 B DA 15 1_555 ? ? ? ? ? ? WATSON-CRICK    ? ? ? 
hydrog12 hydrog ? ? A DG 5 N1 ? ? ? 1_555 B DC 5 N3 ? ? A DG 5 B DC 14 1_555 ? ? ? ? ? ? WATSON-CRICK    ? ? ? 
hydrog13 hydrog ? ? A DG 5 N2 ? ? ? 1_555 B DC 5 O2 ? ? A DG 5 B DC 14 1_555 ? ? ? ? ? ? WATSON-CRICK    ? ? ? 
hydrog14 hydrog ? ? A DG 5 O6 ? ? ? 1_555 B DC 5 N4 ? ? A DG 5 B DC 14 1_555 ? ? ? ? ? ? WATSON-CRICK    ? ? ? 
hydrog15 hydrog ? ? A DG 6 N1 ? ? ? 1_555 B DC 4 N3 ? ? A DG 6 B DC 13 1_555 ? ? ? ? ? ? WATSON-CRICK    ? ? ? 
hydrog16 hydrog ? ? A DG 6 N2 ? ? ? 1_555 B DC 4 O2 ? ? A DG 6 B DC 13 1_555 ? ? ? ? ? ? WATSON-CRICK    ? ? ? 
hydrog17 hydrog ? ? A DG 6 O6 ? ? ? 1_555 B DC 4 N4 ? ? A DG 6 B DC 13 1_555 ? ? ? ? ? ? WATSON-CRICK    ? ? ? 
hydrog18 hydrog ? ? A DG 7 N1 ? ? ? 1_555 B DC 3 N3 ? ? A DG 7 B DC 12 1_555 ? ? ? ? ? ? WATSON-CRICK    ? ? ? 
hydrog19 hydrog ? ? A DG 7 N2 ? ? ? 1_555 B DC 3 O2 ? ? A DG 7 B DC 12 1_555 ? ? ? ? ? ? WATSON-CRICK    ? ? ? 
hydrog20 hydrog ? ? A DG 7 O6 ? ? ? 1_555 B DC 3 N4 ? ? A DG 7 B DC 12 1_555 ? ? ? ? ? ? WATSON-CRICK    ? ? ? 
hydrog21 hydrog ? ? A DA 8 N1 ? ? ? 1_555 B DT 2 N3 ? ? A DA 8 B DT 11 1_555 ? ? ? ? ? ? WATSON-CRICK    ? ? ? 
hydrog22 hydrog ? ? A DA 8 N6 ? ? ? 1_555 B DT 2 O4 ? ? A DA 8 B DT 11 1_555 ? ? ? ? ? ? WATSON-CRICK    ? ? ? 
hydrog23 hydrog ? ? A DG 9 N1 ? ? ? 1_555 B DC 1 N3 ? ? A DG 9 B DC 10 1_555 ? ? ? ? ? ? WATSON-CRICK    ? ? ? 
hydrog24 hydrog ? ? A DG 9 N2 ? ? ? 1_555 B DC 1 O2 ? ? A DG 9 B DC 10 1_555 ? ? ? ? ? ? WATSON-CRICK    ? ? ? 
hydrog25 hydrog ? ? A DG 9 O6 ? ? ? 1_555 B DC 1 N4 ? ? A DG 9 B DC 10 1_555 ? ? ? ? ? ? WATSON-CRICK    ? ? ? 
hydrog26 hydrog ? ? A DG 9 N1 ? ? ? 1_555 B DT 2 O4 ? ? A DG 9 B DT 11 1_555 ? ? ? ? ? ? 'DG-DT MISPAIR' ? ? ? 
# 
_struct_conn_type.id          hydrog 
_struct_conn_type.criteria    ? 
_struct_conn_type.reference   ? 
# 
loop_
_pdbx_validate_symm_contact.id 
_pdbx_validate_symm_contact.PDB_model_num 
_pdbx_validate_symm_contact.auth_atom_id_1 
_pdbx_validate_symm_contact.auth_asym_id_1 
_pdbx_validate_symm_contact.auth_comp_id_1 
_pdbx_validate_symm_contact.auth_seq_id_1 
_pdbx_validate_symm_contact.PDB_ins_code_1 
_pdbx_validate_symm_contact.label_alt_id_1 
_pdbx_validate_symm_contact.site_symmetry_1 
_pdbx_validate_symm_contact.auth_atom_id_2 
_pdbx_validate_symm_contact.auth_asym_id_2 
_pdbx_validate_symm_contact.auth_comp_id_2 
_pdbx_validate_symm_contact.auth_seq_id_2 
_pdbx_validate_symm_contact.PDB_ins_code_2 
_pdbx_validate_symm_contact.label_alt_id_2 
_pdbx_validate_symm_contact.site_symmetry_2 
_pdbx_validate_symm_contact.dist 
1 1 "C5'" A DG 7 ? ? 1_555 C6 B DC 10 ? ? 3_654 1.86 
2 1 "O3'" A DG 7 ? ? 1_555 N4 B DC 10 ? ? 3_654 1.91 
3 1 "C4'" A DG 7 ? ? 1_555 C5 B DC 10 ? ? 3_654 1.92 
4 1 "C4'" A DG 7 ? ? 1_555 C4 B DC 10 ? ? 3_654 2.04 
# 
loop_
_pdbx_validate_rmsd_bond.id 
_pdbx_validate_rmsd_bond.PDB_model_num 
_pdbx_validate_rmsd_bond.auth_atom_id_1 
_pdbx_validate_rmsd_bond.auth_asym_id_1 
_pdbx_validate_rmsd_bond.auth_comp_id_1 
_pdbx_validate_rmsd_bond.auth_seq_id_1 
_pdbx_validate_rmsd_bond.PDB_ins_code_1 
_pdbx_validate_rmsd_bond.label_alt_id_1 
_pdbx_validate_rmsd_bond.auth_atom_id_2 
_pdbx_validate_rmsd_bond.auth_asym_id_2 
_pdbx_validate_rmsd_bond.auth_comp_id_2 
_pdbx_validate_rmsd_bond.auth_seq_id_2 
_pdbx_validate_rmsd_bond.PDB_ins_code_2 
_pdbx_validate_rmsd_bond.label_alt_id_2 
_pdbx_validate_rmsd_bond.bond_value 
_pdbx_validate_rmsd_bond.bond_target_value 
_pdbx_validate_rmsd_bond.bond_deviation 
_pdbx_validate_rmsd_bond.bond_standard_deviation 
_pdbx_validate_rmsd_bond.linker_flag 
1 1 "C2'" A DA 3  ? ? "C1'" A DA 3  ? ? 1.589 1.519 0.070 0.010 N 
2 1 N9    A DA 3  ? ? C4    A DA 3  ? ? 1.415 1.374 0.041 0.006 N 
3 1 "O4'" A DA 8  ? ? "C4'" A DA 8  ? ? 1.508 1.449 0.059 0.009 N 
4 1 "C2'" B DC 10 ? ? "C1'" B DC 10 ? ? 1.650 1.519 0.131 0.010 N 
5 1 "O4'" B DC 10 ? ? "C4'" B DC 10 ? ? 1.518 1.449 0.069 0.009 N 
# 
loop_
_pdbx_validate_rmsd_angle.id 
_pdbx_validate_rmsd_angle.PDB_model_num 
_pdbx_validate_rmsd_angle.auth_atom_id_1 
_pdbx_validate_rmsd_angle.auth_asym_id_1 
_pdbx_validate_rmsd_angle.auth_comp_id_1 
_pdbx_validate_rmsd_angle.auth_seq_id_1 
_pdbx_validate_rmsd_angle.PDB_ins_code_1 
_pdbx_validate_rmsd_angle.label_alt_id_1 
_pdbx_validate_rmsd_angle.auth_atom_id_2 
_pdbx_validate_rmsd_angle.auth_asym_id_2 
_pdbx_validate_rmsd_angle.auth_comp_id_2 
_pdbx_validate_rmsd_angle.auth_seq_id_2 
_pdbx_validate_rmsd_angle.PDB_ins_code_2 
_pdbx_validate_rmsd_angle.label_alt_id_2 
_pdbx_validate_rmsd_angle.auth_atom_id_3 
_pdbx_validate_rmsd_angle.auth_asym_id_3 
_pdbx_validate_rmsd_angle.auth_comp_id_3 
_pdbx_validate_rmsd_angle.auth_seq_id_3 
_pdbx_validate_rmsd_angle.PDB_ins_code_3 
_pdbx_validate_rmsd_angle.label_alt_id_3 
_pdbx_validate_rmsd_angle.angle_value 
_pdbx_validate_rmsd_angle.angle_target_value 
_pdbx_validate_rmsd_angle.angle_deviation 
_pdbx_validate_rmsd_angle.angle_standard_deviation 
_pdbx_validate_rmsd_angle.linker_flag 
1  1 "O4'" A DG 1  ? ? "C1'" A DG 1  ? ? N9    A DG 1  ? ? 116.26 108.30 7.96   0.30 N 
2  1 N3    A DG 1  ? ? C2    A DG 1  ? ? N2    A DG 1  ? ? 124.27 119.90 4.37   0.70 N 
3  1 "O3'" A DG 1  ? ? P     A DG 2  ? ? OP1   A DG 2  ? ? 119.30 110.50 8.80   1.10 Y 
4  1 OP1   A DG 2  ? ? P     A DG 2  ? ? OP2   A DG 2  ? ? 109.88 119.60 -9.72  1.50 N 
5  1 "C3'" A DG 2  ? ? "O3'" A DG 2  ? ? P     A DA 3  ? ? 139.43 119.70 19.73  1.20 Y 
6  1 "O4'" A DA 3  ? ? "C4'" A DA 3  ? ? "C3'" A DA 3  ? ? 100.76 104.50 -3.74  0.40 N 
7  1 "C5'" A DA 3  ? ? "C4'" A DA 3  ? ? "C3'" A DA 3  ? ? 125.26 115.70 9.56   1.20 N 
8  1 "C4'" A DA 3  ? ? "C3'" A DA 3  ? ? "C2'" A DA 3  ? ? 93.70  102.20 -8.50  0.70 N 
9  1 "O4'" A DA 3  ? ? "C1'" A DA 3  ? ? N9    A DA 3  ? ? 118.93 108.30 10.63  0.30 N 
10 1 "C3'" A DA 3  ? ? "O3'" A DA 3  ? ? P     A DT 4  ? ? 145.73 119.70 26.03  1.20 Y 
11 1 "O3'" A DA 3  ? ? P     A DT 4  ? ? OP1   A DT 4  ? ? 117.28 110.50 6.78   1.10 Y 
12 1 "O5'" A DT 4  ? ? "C5'" A DT 4  ? ? "C4'" A DT 4  ? ? 102.28 109.40 -7.12  0.80 N 
13 1 "O4'" A DT 4  ? ? "C1'" A DT 4  ? ? N1    A DT 4  ? ? 116.86 108.30 8.56   0.30 N 
14 1 "O4'" A DG 5  ? ? "C4'" A DG 5  ? ? "C3'" A DG 5  ? ? 95.49  104.50 -9.01  0.40 N 
15 1 "C5'" A DG 5  ? ? "C4'" A DG 5  ? ? "C3'" A DG 5  ? ? 127.39 115.70 11.69  1.20 N 
16 1 "C1'" A DG 5  ? ? "O4'" A DG 5  ? ? "C4'" A DG 5  ? ? 100.93 110.10 -9.17  1.00 N 
17 1 "C4'" A DG 5  ? ? "C3'" A DG 5  ? ? "O3'" A DG 5  ? ? 127.58 112.30 15.28  2.00 N 
18 1 "C4'" A DG 5  ? ? "C3'" A DG 5  ? ? "C2'" A DG 5  ? ? 88.33  102.20 -13.87 0.70 N 
19 1 "C3'" A DG 5  ? ? "C2'" A DG 5  ? ? "C1'" A DG 5  ? ? 96.52  102.40 -5.88  0.80 N 
20 1 "O4'" A DG 5  ? ? "C1'" A DG 5  ? ? N9    A DG 5  ? ? 115.58 108.30 7.28   0.30 N 
21 1 C8    A DG 5  ? ? N9    A DG 5  ? ? C4    A DG 5  ? ? 103.38 106.40 -3.02  0.40 N 
22 1 N3    A DG 5  ? ? C2    A DG 5  ? ? N2    A DG 5  ? ? 115.40 119.90 -4.50  0.70 N 
23 1 "C3'" A DG 5  ? ? "O3'" A DG 5  ? ? P     A DG 6  ? ? 136.29 119.70 16.59  1.20 Y 
24 1 "O5'" A DG 6  ? ? "C5'" A DG 6  ? ? "C4'" A DG 6  ? ? 103.27 109.40 -6.13  0.80 N 
25 1 "C4'" A DG 6  ? ? "C3'" A DG 6  ? ? "C2'" A DG 6  ? ? 108.58 103.10 5.48   0.90 N 
26 1 "O4'" A DG 7  ? ? "C4'" A DG 7  ? ? "C3'" A DG 7  ? ? 110.96 106.00 4.96   0.60 N 
27 1 "C5'" A DG 7  ? ? "C4'" A DG 7  ? ? "O4'" A DG 7  ? ? 93.73  109.30 -15.57 1.90 N 
28 1 "C1'" A DG 7  ? ? "O4'" A DG 7  ? ? "C4'" A DG 7  ? ? 103.61 110.10 -6.49  1.00 N 
29 1 "C4'" A DG 7  ? ? "C3'" A DG 7  ? ? "O3'" A DG 7  ? ? 126.86 112.30 14.56  2.00 N 
30 1 "O4'" A DG 7  ? ? "C1'" A DG 7  ? ? N9    A DG 7  ? ? 117.52 108.30 9.22   0.30 N 
31 1 "C3'" A DG 7  ? ? "O3'" A DG 7  ? ? P     A DA 8  ? ? 127.08 119.70 7.38   1.20 Y 
32 1 OP1   A DA 8  ? ? P     A DA 8  ? ? OP2   A DA 8  ? ? 109.42 119.60 -10.18 1.50 N 
33 1 "C1'" A DA 8  ? ? "O4'" A DA 8  ? ? "C4'" A DA 8  ? ? 99.95  110.10 -10.15 1.00 N 
34 1 "C3'" A DA 8  ? ? "C2'" A DA 8  ? ? "C1'" A DA 8  ? ? 92.62  102.40 -9.78  0.80 N 
35 1 "O4'" A DA 8  ? ? "C1'" A DA 8  ? ? "C2'" A DA 8  ? ? 98.06  105.90 -7.84  0.80 N 
36 1 "O4'" A DA 8  ? ? "C1'" A DA 8  ? ? N9    A DA 8  ? ? 139.79 108.30 31.49  0.30 N 
37 1 C8    A DA 8  ? ? N9    A DA 8  ? ? C4    A DA 8  ? ? 103.31 105.80 -2.49  0.40 N 
38 1 P     A DG 9  ? ? "O5'" A DG 9  ? ? "C5'" A DG 9  ? ? 130.66 120.90 9.76   1.60 N 
39 1 "O4'" A DG 9  ? ? "C4'" A DG 9  ? ? "C3'" A DG 9  ? ? 109.87 106.00 3.87   0.60 N 
40 1 "C1'" A DG 9  ? ? "O4'" A DG 9  ? ? "C4'" A DG 9  ? ? 103.95 110.10 -6.15  1.00 N 
41 1 N1    A DG 9  ? ? C2    A DG 9  ? ? N2    A DG 9  ? ? 122.80 116.20 6.60   0.90 N 
42 1 N3    A DG 9  ? ? C2    A DG 9  ? ? N2    A DG 9  ? ? 114.15 119.90 -5.75  0.70 N 
43 1 N1    A DG 9  ? ? C6    A DG 9  ? ? O6    A DG 9  ? ? 126.19 119.90 6.29   0.60 N 
44 1 C5    A DG 9  ? ? C6    A DG 9  ? ? O6    A DG 9  ? ? 123.49 128.60 -5.11  0.60 N 
45 1 "C5'" B DC 10 ? ? "C4'" B DC 10 ? ? "C3'" B DC 10 ? ? 124.22 115.70 8.52   1.20 N 
46 1 "C1'" B DC 10 ? ? "O4'" B DC 10 ? ? "C4'" B DC 10 ? ? 100.90 110.10 -9.20  1.00 N 
47 1 "C4'" B DC 10 ? ? "C3'" B DC 10 ? ? "O3'" B DC 10 ? ? 130.71 112.30 18.41  2.00 N 
48 1 "C4'" B DC 10 ? ? "C3'" B DC 10 ? ? "C2'" B DC 10 ? ? 93.98  102.20 -8.22  0.70 N 
49 1 "C3'" B DC 10 ? ? "C2'" B DC 10 ? ? "C1'" B DC 10 ? ? 90.75  102.40 -11.65 0.80 N 
50 1 "O4'" B DC 10 ? ? "C1'" B DC 10 ? ? "C2'" B DC 10 ? ? 94.45  105.90 -11.45 0.80 N 
51 1 "O4'" B DC 10 ? ? "C1'" B DC 10 ? ? N1    B DC 10 ? ? 136.37 108.30 28.07  0.30 N 
52 1 P     B DT 11 ? ? "O5'" B DT 11 ? ? "C5'" B DT 11 ? ? 135.59 120.90 14.69  1.60 N 
53 1 "C3'" B DT 11 ? ? "O3'" B DT 11 ? ? P     B DC 12 ? ? 111.24 119.70 -8.46  1.20 Y 
54 1 OP1   B DC 12 ? ? P     B DC 12 ? ? OP2   B DC 12 ? ? 108.70 119.60 -10.90 1.50 N 
55 1 P     B DC 12 ? ? "O5'" B DC 12 ? ? "C5'" B DC 12 ? ? 135.03 120.90 14.13  1.60 N 
56 1 "C5'" B DC 12 ? ? "C4'" B DC 12 ? ? "C3'" B DC 12 ? ? 123.35 115.70 7.65   1.20 N 
57 1 "O4'" B DC 12 ? ? "C1'" B DC 12 ? ? N1    B DC 12 ? ? 112.83 108.30 4.53   0.30 N 
58 1 P     B DC 13 ? ? "O5'" B DC 13 ? ? "C5'" B DC 13 ? ? 141.68 120.90 20.78  1.60 N 
59 1 "O4'" B DC 13 ? ? "C1'" B DC 13 ? ? N1    B DC 13 ? ? 121.81 108.30 13.51  0.30 N 
60 1 OP1   B DC 14 ? ? P     B DC 14 ? ? OP2   B DC 14 ? ? 107.83 119.60 -11.77 1.50 N 
61 1 "O4'" B DC 14 ? ? "C4'" B DC 14 ? ? "C3'" B DC 14 ? ? 99.26  104.50 -5.24  0.40 N 
62 1 "C5'" B DC 14 ? ? "C4'" B DC 14 ? ? "O4'" B DC 14 ? ? 121.57 109.80 11.77  1.10 N 
63 1 "C4'" B DC 14 ? ? "C3'" B DC 14 ? ? "C2'" B DC 14 ? ? 95.14  102.20 -7.06  0.70 N 
64 1 "O4'" B DC 14 ? ? "C1'" B DC 14 ? ? N1    B DC 14 ? ? 118.65 108.30 10.35  0.30 N 
65 1 C6    B DC 14 ? ? N1    B DC 14 ? ? C2    B DC 14 ? ? 117.45 120.30 -2.85  0.40 N 
66 1 C5    B DC 14 ? ? C6    B DC 14 ? ? N1    B DC 14 ? ? 124.24 121.00 3.24   0.50 N 
67 1 "C3'" B DC 14 ? ? "O3'" B DC 14 ? ? P     B DA 15 ? ? 127.25 119.70 7.55   1.20 Y 
68 1 "O5'" B DA 15 ? ? "C5'" B DA 15 ? ? "C4'" B DA 15 ? ? 102.33 109.40 -7.07  0.80 N 
69 1 "C4'" B DA 15 ? ? "C3'" B DA 15 ? ? "C2'" B DA 15 ? ? 96.50  102.20 -5.70  0.70 N 
70 1 "O4'" B DA 15 ? ? "C1'" B DA 15 ? ? N9    B DA 15 ? ? 111.26 108.30 2.96   0.30 N 
71 1 "C3'" B DA 15 ? ? "O3'" B DA 15 ? ? P     B DT 16 ? ? 131.57 119.70 11.87  1.20 Y 
72 1 "O3'" B DA 15 ? ? P     B DT 16 ? ? OP1   B DT 16 ? ? 118.88 110.50 8.38   1.10 Y 
73 1 "O5'" B DT 16 ? ? "C5'" B DT 16 ? ? "C4'" B DT 16 ? ? 100.70 109.40 -8.70  0.80 N 
74 1 "O4'" B DT 16 ? ? "C4'" B DT 16 ? ? "C3'" B DT 16 ? ? 109.90 106.00 3.90   0.60 N 
75 1 "C4'" B DT 16 ? ? "C3'" B DT 16 ? ? "O3'" B DT 16 ? ? 124.86 112.30 12.56  2.00 N 
76 1 "O4'" B DT 16 ? ? "C1'" B DT 16 ? ? N1    B DT 16 ? ? 121.91 108.30 13.61  0.30 N 
77 1 N3    B DT 16 ? ? C2    B DT 16 ? ? O2    B DT 16 ? ? 116.49 122.30 -5.81  0.60 N 
78 1 OP1   B DC 18 ? ? P     B DC 18 ? ? OP2   B DC 18 ? ? 107.28 119.60 -12.32 1.50 N 
79 1 "O4'" B DC 18 ? ? "C1'" B DC 18 ? ? N1    B DC 18 ? ? 128.92 108.30 20.62  0.30 N 
80 1 C5    B DC 18 ? ? C4    B DC 18 ? ? N4    B DC 18 ? ? 125.62 120.20 5.42   0.70 N 
# 
_refine_B_iso.class            'ALL ATOMS' 
_refine_B_iso.details          TF 
_refine_B_iso.treatment        isotropic 
_refine_B_iso.pdbx_refine_id   'X-RAY DIFFRACTION' 
# 
_refine_occupancy.class            'ALL ATOMS' 
_refine_occupancy.treatment        fix 
_refine_occupancy.pdbx_refine_id   'X-RAY DIFFRACTION' 
# 
loop_
_chem_comp_atom.comp_id 
_chem_comp_atom.atom_id 
_chem_comp_atom.type_symbol 
_chem_comp_atom.pdbx_aromatic_flag 
_chem_comp_atom.pdbx_stereo_config 
_chem_comp_atom.pdbx_ordinal 
DA OP3    O N N 1   
DA P      P N N 2   
DA OP1    O N N 3   
DA OP2    O N N 4   
DA "O5'"  O N N 5   
DA "C5'"  C N N 6   
DA "C4'"  C N R 7   
DA "O4'"  O N N 8   
DA "C3'"  C N S 9   
DA "O3'"  O N N 10  
DA "C2'"  C N N 11  
DA "C1'"  C N R 12  
DA N9     N Y N 13  
DA C8     C Y N 14  
DA N7     N Y N 15  
DA C5     C Y N 16  
DA C6     C Y N 17  
DA N6     N N N 18  
DA N1     N Y N 19  
DA C2     C Y N 20  
DA N3     N Y N 21  
DA C4     C Y N 22  
DA HOP3   H N N 23  
DA HOP2   H N N 24  
DA "H5'"  H N N 25  
DA "H5''" H N N 26  
DA "H4'"  H N N 27  
DA "H3'"  H N N 28  
DA "HO3'" H N N 29  
DA "H2'"  H N N 30  
DA "H2''" H N N 31  
DA "H1'"  H N N 32  
DA H8     H N N 33  
DA H61    H N N 34  
DA H62    H N N 35  
DA H2     H N N 36  
DC OP3    O N N 37  
DC P      P N N 38  
DC OP1    O N N 39  
DC OP2    O N N 40  
DC "O5'"  O N N 41  
DC "C5'"  C N N 42  
DC "C4'"  C N R 43  
DC "O4'"  O N N 44  
DC "C3'"  C N S 45  
DC "O3'"  O N N 46  
DC "C2'"  C N N 47  
DC "C1'"  C N R 48  
DC N1     N N N 49  
DC C2     C N N 50  
DC O2     O N N 51  
DC N3     N N N 52  
DC C4     C N N 53  
DC N4     N N N 54  
DC C5     C N N 55  
DC C6     C N N 56  
DC HOP3   H N N 57  
DC HOP2   H N N 58  
DC "H5'"  H N N 59  
DC "H5''" H N N 60  
DC "H4'"  H N N 61  
DC "H3'"  H N N 62  
DC "HO3'" H N N 63  
DC "H2'"  H N N 64  
DC "H2''" H N N 65  
DC "H1'"  H N N 66  
DC H41    H N N 67  
DC H42    H N N 68  
DC H5     H N N 69  
DC H6     H N N 70  
DG OP3    O N N 71  
DG P      P N N 72  
DG OP1    O N N 73  
DG OP2    O N N 74  
DG "O5'"  O N N 75  
DG "C5'"  C N N 76  
DG "C4'"  C N R 77  
DG "O4'"  O N N 78  
DG "C3'"  C N S 79  
DG "O3'"  O N N 80  
DG "C2'"  C N N 81  
DG "C1'"  C N R 82  
DG N9     N Y N 83  
DG C8     C Y N 84  
DG N7     N Y N 85  
DG C5     C Y N 86  
DG C6     C N N 87  
DG O6     O N N 88  
DG N1     N N N 89  
DG C2     C N N 90  
DG N2     N N N 91  
DG N3     N N N 92  
DG C4     C Y N 93  
DG HOP3   H N N 94  
DG HOP2   H N N 95  
DG "H5'"  H N N 96  
DG "H5''" H N N 97  
DG "H4'"  H N N 98  
DG "H3'"  H N N 99  
DG "HO3'" H N N 100 
DG "H2'"  H N N 101 
DG "H2''" H N N 102 
DG "H1'"  H N N 103 
DG H8     H N N 104 
DG H1     H N N 105 
DG H21    H N N 106 
DG H22    H N N 107 
DT OP3    O N N 108 
DT P      P N N 109 
DT OP1    O N N 110 
DT OP2    O N N 111 
DT "O5'"  O N N 112 
DT "C5'"  C N N 113 
DT "C4'"  C N R 114 
DT "O4'"  O N N 115 
DT "C3'"  C N S 116 
DT "O3'"  O N N 117 
DT "C2'"  C N N 118 
DT "C1'"  C N R 119 
DT N1     N N N 120 
DT C2     C N N 121 
DT O2     O N N 122 
DT N3     N N N 123 
DT C4     C N N 124 
DT O4     O N N 125 
DT C5     C N N 126 
DT C7     C N N 127 
DT C6     C N N 128 
DT HOP3   H N N 129 
DT HOP2   H N N 130 
DT "H5'"  H N N 131 
DT "H5''" H N N 132 
DT "H4'"  H N N 133 
DT "H3'"  H N N 134 
DT "HO3'" H N N 135 
DT "H2'"  H N N 136 
DT "H2''" H N N 137 
DT "H1'"  H N N 138 
DT H3     H N N 139 
DT H71    H N N 140 
DT H72    H N N 141 
DT H73    H N N 142 
DT H6     H N N 143 
# 
loop_
_chem_comp_bond.comp_id 
_chem_comp_bond.atom_id_1 
_chem_comp_bond.atom_id_2 
_chem_comp_bond.value_order 
_chem_comp_bond.pdbx_aromatic_flag 
_chem_comp_bond.pdbx_stereo_config 
_chem_comp_bond.pdbx_ordinal 
DA OP3   P      sing N N 1   
DA OP3   HOP3   sing N N 2   
DA P     OP1    doub N N 3   
DA P     OP2    sing N N 4   
DA P     "O5'"  sing N N 5   
DA OP2   HOP2   sing N N 6   
DA "O5'" "C5'"  sing N N 7   
DA "C5'" "C4'"  sing N N 8   
DA "C5'" "H5'"  sing N N 9   
DA "C5'" "H5''" sing N N 10  
DA "C4'" "O4'"  sing N N 11  
DA "C4'" "C3'"  sing N N 12  
DA "C4'" "H4'"  sing N N 13  
DA "O4'" "C1'"  sing N N 14  
DA "C3'" "O3'"  sing N N 15  
DA "C3'" "C2'"  sing N N 16  
DA "C3'" "H3'"  sing N N 17  
DA "O3'" "HO3'" sing N N 18  
DA "C2'" "C1'"  sing N N 19  
DA "C2'" "H2'"  sing N N 20  
DA "C2'" "H2''" sing N N 21  
DA "C1'" N9     sing N N 22  
DA "C1'" "H1'"  sing N N 23  
DA N9    C8     sing Y N 24  
DA N9    C4     sing Y N 25  
DA C8    N7     doub Y N 26  
DA C8    H8     sing N N 27  
DA N7    C5     sing Y N 28  
DA C5    C6     sing Y N 29  
DA C5    C4     doub Y N 30  
DA C6    N6     sing N N 31  
DA C6    N1     doub Y N 32  
DA N6    H61    sing N N 33  
DA N6    H62    sing N N 34  
DA N1    C2     sing Y N 35  
DA C2    N3     doub Y N 36  
DA C2    H2     sing N N 37  
DA N3    C4     sing Y N 38  
DC OP3   P      sing N N 39  
DC OP3   HOP3   sing N N 40  
DC P     OP1    doub N N 41  
DC P     OP2    sing N N 42  
DC P     "O5'"  sing N N 43  
DC OP2   HOP2   sing N N 44  
DC "O5'" "C5'"  sing N N 45  
DC "C5'" "C4'"  sing N N 46  
DC "C5'" "H5'"  sing N N 47  
DC "C5'" "H5''" sing N N 48  
DC "C4'" "O4'"  sing N N 49  
DC "C4'" "C3'"  sing N N 50  
DC "C4'" "H4'"  sing N N 51  
DC "O4'" "C1'"  sing N N 52  
DC "C3'" "O3'"  sing N N 53  
DC "C3'" "C2'"  sing N N 54  
DC "C3'" "H3'"  sing N N 55  
DC "O3'" "HO3'" sing N N 56  
DC "C2'" "C1'"  sing N N 57  
DC "C2'" "H2'"  sing N N 58  
DC "C2'" "H2''" sing N N 59  
DC "C1'" N1     sing N N 60  
DC "C1'" "H1'"  sing N N 61  
DC N1    C2     sing N N 62  
DC N1    C6     sing N N 63  
DC C2    O2     doub N N 64  
DC C2    N3     sing N N 65  
DC N3    C4     doub N N 66  
DC C4    N4     sing N N 67  
DC C4    C5     sing N N 68  
DC N4    H41    sing N N 69  
DC N4    H42    sing N N 70  
DC C5    C6     doub N N 71  
DC C5    H5     sing N N 72  
DC C6    H6     sing N N 73  
DG OP3   P      sing N N 74  
DG OP3   HOP3   sing N N 75  
DG P     OP1    doub N N 76  
DG P     OP2    sing N N 77  
DG P     "O5'"  sing N N 78  
DG OP2   HOP2   sing N N 79  
DG "O5'" "C5'"  sing N N 80  
DG "C5'" "C4'"  sing N N 81  
DG "C5'" "H5'"  sing N N 82  
DG "C5'" "H5''" sing N N 83  
DG "C4'" "O4'"  sing N N 84  
DG "C4'" "C3'"  sing N N 85  
DG "C4'" "H4'"  sing N N 86  
DG "O4'" "C1'"  sing N N 87  
DG "C3'" "O3'"  sing N N 88  
DG "C3'" "C2'"  sing N N 89  
DG "C3'" "H3'"  sing N N 90  
DG "O3'" "HO3'" sing N N 91  
DG "C2'" "C1'"  sing N N 92  
DG "C2'" "H2'"  sing N N 93  
DG "C2'" "H2''" sing N N 94  
DG "C1'" N9     sing N N 95  
DG "C1'" "H1'"  sing N N 96  
DG N9    C8     sing Y N 97  
DG N9    C4     sing Y N 98  
DG C8    N7     doub Y N 99  
DG C8    H8     sing N N 100 
DG N7    C5     sing Y N 101 
DG C5    C6     sing N N 102 
DG C5    C4     doub Y N 103 
DG C6    O6     doub N N 104 
DG C6    N1     sing N N 105 
DG N1    C2     sing N N 106 
DG N1    H1     sing N N 107 
DG C2    N2     sing N N 108 
DG C2    N3     doub N N 109 
DG N2    H21    sing N N 110 
DG N2    H22    sing N N 111 
DG N3    C4     sing N N 112 
DT OP3   P      sing N N 113 
DT OP3   HOP3   sing N N 114 
DT P     OP1    doub N N 115 
DT P     OP2    sing N N 116 
DT P     "O5'"  sing N N 117 
DT OP2   HOP2   sing N N 118 
DT "O5'" "C5'"  sing N N 119 
DT "C5'" "C4'"  sing N N 120 
DT "C5'" "H5'"  sing N N 121 
DT "C5'" "H5''" sing N N 122 
DT "C4'" "O4'"  sing N N 123 
DT "C4'" "C3'"  sing N N 124 
DT "C4'" "H4'"  sing N N 125 
DT "O4'" "C1'"  sing N N 126 
DT "C3'" "O3'"  sing N N 127 
DT "C3'" "C2'"  sing N N 128 
DT "C3'" "H3'"  sing N N 129 
DT "O3'" "HO3'" sing N N 130 
DT "C2'" "C1'"  sing N N 131 
DT "C2'" "H2'"  sing N N 132 
DT "C2'" "H2''" sing N N 133 
DT "C1'" N1     sing N N 134 
DT "C1'" "H1'"  sing N N 135 
DT N1    C2     sing N N 136 
DT N1    C6     sing N N 137 
DT C2    O2     doub N N 138 
DT C2    N3     sing N N 139 
DT N3    C4     sing N N 140 
DT N3    H3     sing N N 141 
DT C4    O4     doub N N 142 
DT C4    C5     sing N N 143 
DT C5    C7     sing N N 144 
DT C5    C6     doub N N 145 
DT C7    H71    sing N N 146 
DT C7    H72    sing N N 147 
DT C7    H73    sing N N 148 
DT C6    H6     sing N N 149 
# 
loop_
_ndb_struct_conf_na.entry_id 
_ndb_struct_conf_na.feature 
1DN6 'double helix'        
1DN6 'a-form double helix' 
# 
loop_
_ndb_struct_na_base_pair.model_number 
_ndb_struct_na_base_pair.i_label_asym_id 
_ndb_struct_na_base_pair.i_label_comp_id 
_ndb_struct_na_base_pair.i_label_seq_id 
_ndb_struct_na_base_pair.i_symmetry 
_ndb_struct_na_base_pair.j_label_asym_id 
_ndb_struct_na_base_pair.j_label_comp_id 
_ndb_struct_na_base_pair.j_label_seq_id 
_ndb_struct_na_base_pair.j_symmetry 
_ndb_struct_na_base_pair.shear 
_ndb_struct_na_base_pair.stretch 
_ndb_struct_na_base_pair.stagger 
_ndb_struct_na_base_pair.buckle 
_ndb_struct_na_base_pair.propeller 
_ndb_struct_na_base_pair.opening 
_ndb_struct_na_base_pair.pair_number 
_ndb_struct_na_base_pair.pair_name 
_ndb_struct_na_base_pair.i_auth_asym_id 
_ndb_struct_na_base_pair.i_auth_seq_id 
_ndb_struct_na_base_pair.i_PDB_ins_code 
_ndb_struct_na_base_pair.j_auth_asym_id 
_ndb_struct_na_base_pair.j_auth_seq_id 
_ndb_struct_na_base_pair.j_PDB_ins_code 
_ndb_struct_na_base_pair.hbond_type_28 
_ndb_struct_na_base_pair.hbond_type_12 
1 A DG 1 1_555 B DC 9 1_555 0.955  0.170  -0.288 -8.087  -23.810 0.763   1 A_DG1:DC18_B A 1 ? B 18 ? 19 1 
1 A DG 2 1_555 B DC 8 1_555 -1.250 -0.662 0.352  18.850  12.535  -9.105  2 A_DG2:DC17_B A 2 ? B 17 ? 19 1 
1 A DA 3 1_555 B DT 7 1_555 -1.153 -0.216 -0.583 -13.211 -3.874  -0.683  3 A_DA3:DT16_B A 3 ? B 16 ? 20 1 
1 A DT 4 1_555 B DA 6 1_555 -0.193 -0.013 -0.020 -17.333 7.747   -5.557  4 A_DT4:DA15_B A 4 ? B 15 ? 20 1 
1 A DG 5 1_555 B DC 5 1_555 -0.316 -0.615 1.037  5.252   -8.105  -3.588  5 A_DG5:DC14_B A 5 ? B 14 ? 19 1 
1 A DG 6 1_555 B DC 4 1_555 0.075  -0.174 -0.381 12.565  18.229  -7.286  6 A_DG6:DC13_B A 6 ? B 13 ? 19 1 
1 A DG 7 1_555 B DC 3 1_555 0.874  -0.334 -0.741 -8.543  7.577   -12.338 7 A_DG7:DC12_B A 7 ? B 12 ? 19 1 
1 A DA 8 1_555 B DT 2 1_555 -0.855 -0.390 -0.092 -1.060  16.805  -26.188 8 A_DA8:DT11_B A 8 ? B 11 ? 20 1 
1 A DG 9 1_555 B DC 1 1_555 2.002  -0.600 -0.910 14.453  14.482  -11.189 9 A_DG9:DC10_B A 9 ? B 10 ? 19 1 
# 
loop_
_ndb_struct_na_base_pair_step.model_number 
_ndb_struct_na_base_pair_step.i_label_asym_id_1 
_ndb_struct_na_base_pair_step.i_label_comp_id_1 
_ndb_struct_na_base_pair_step.i_label_seq_id_1 
_ndb_struct_na_base_pair_step.i_symmetry_1 
_ndb_struct_na_base_pair_step.j_label_asym_id_1 
_ndb_struct_na_base_pair_step.j_label_comp_id_1 
_ndb_struct_na_base_pair_step.j_label_seq_id_1 
_ndb_struct_na_base_pair_step.j_symmetry_1 
_ndb_struct_na_base_pair_step.i_label_asym_id_2 
_ndb_struct_na_base_pair_step.i_label_comp_id_2 
_ndb_struct_na_base_pair_step.i_label_seq_id_2 
_ndb_struct_na_base_pair_step.i_symmetry_2 
_ndb_struct_na_base_pair_step.j_label_asym_id_2 
_ndb_struct_na_base_pair_step.j_label_comp_id_2 
_ndb_struct_na_base_pair_step.j_label_seq_id_2 
_ndb_struct_na_base_pair_step.j_symmetry_2 
_ndb_struct_na_base_pair_step.shift 
_ndb_struct_na_base_pair_step.slide 
_ndb_struct_na_base_pair_step.rise 
_ndb_struct_na_base_pair_step.tilt 
_ndb_struct_na_base_pair_step.roll 
_ndb_struct_na_base_pair_step.twist 
_ndb_struct_na_base_pair_step.x_displacement 
_ndb_struct_na_base_pair_step.y_displacement 
_ndb_struct_na_base_pair_step.helical_rise 
_ndb_struct_na_base_pair_step.inclination 
_ndb_struct_na_base_pair_step.tip 
_ndb_struct_na_base_pair_step.helical_twist 
_ndb_struct_na_base_pair_step.step_number 
_ndb_struct_na_base_pair_step.step_name 
_ndb_struct_na_base_pair_step.i_auth_asym_id_1 
_ndb_struct_na_base_pair_step.i_auth_seq_id_1 
_ndb_struct_na_base_pair_step.i_PDB_ins_code_1 
_ndb_struct_na_base_pair_step.j_auth_asym_id_1 
_ndb_struct_na_base_pair_step.j_auth_seq_id_1 
_ndb_struct_na_base_pair_step.j_PDB_ins_code_1 
_ndb_struct_na_base_pair_step.i_auth_asym_id_2 
_ndb_struct_na_base_pair_step.i_auth_seq_id_2 
_ndb_struct_na_base_pair_step.i_PDB_ins_code_2 
_ndb_struct_na_base_pair_step.j_auth_asym_id_2 
_ndb_struct_na_base_pair_step.j_auth_seq_id_2 
_ndb_struct_na_base_pair_step.j_PDB_ins_code_2 
1 A DG 1 1_555 B DC 9 1_555 A DG 2 1_555 B DC 8 1_555 0.380  -0.586 2.279 -1.995 3.848   16.875 -3.521 -2.076 2.037 12.839  6.656 
17.419 1 AA_DG1DG2:DC17DC18_BB A 1 ? B 18 ? A 2 ? B 17 ? 
1 A DG 2 1_555 B DC 8 1_555 A DA 3 1_555 B DT 7 1_555 1.300  -1.423 4.028 0.610  26.753  35.042 -4.734 -1.677 2.426 38.302  -0.873 
43.835 2 AA_DG2DA3:DT16DC17_BB A 2 ? B 17 ? A 3 ? B 16 ? 
1 A DA 3 1_555 B DT 7 1_555 A DT 4 1_555 B DA 6 1_555 -1.130 -1.288 3.488 -5.299 7.789   35.373 -3.182 1.033  3.271 12.546  8.535 
36.567 3 AA_DA3DT4:DA15DT16_BB A 3 ? B 16 ? A 4 ? B 15 ? 
1 A DT 4 1_555 B DA 6 1_555 A DG 5 1_555 B DC 5 1_555 0.133  -2.263 2.209 -9.083 6.463   14.951 -8.843 -3.017 0.930 21.377  30.044 
18.630 4 AA_DT4DG5:DC14DA15_BB A 4 ? B 15 ? A 5 ? B 14 ? 
1 A DG 5 1_555 B DC 5 1_555 A DG 6 1_555 B DC 4 1_555 -0.232 -1.687 3.086 9.626  -11.348 39.096 -1.162 1.349  3.289 -16.259 
-13.793 41.729 5 AA_DG5DG6:DC13DC14_BB A 5 ? B 14 ? A 6 ? B 13 ? 
1 A DG 6 1_555 B DC 4 1_555 A DG 7 1_555 B DC 3 1_555 0.319  -2.720 4.651 3.667  18.832  30.050 -7.772 0.123  2.575 32.492  -6.327 
35.533 6 AA_DG6DG7:DC12DC13_BB A 6 ? B 13 ? A 7 ? B 12 ? 
1 A DG 7 1_555 B DC 3 1_555 A DA 8 1_555 B DT 2 1_555 -0.308 -1.503 2.941 -6.507 2.023   18.379 -5.293 -1.914 2.708 6.069   19.525 
19.591 7 AA_DG7DA8:DT11DC12_BB A 7 ? B 12 ? A 8 ? B 11 ? 
1 A DA 8 1_555 B DT 2 1_555 A DG 9 1_555 B DC 1 1_555 1.036  -1.557 2.799 1.814  -5.359  61.018 -1.305 -0.941 2.940 -5.266  -1.783 
61.255 8 AA_DA8DG9:DC10DT11_BB A 8 ? B 11 ? A 9 ? B 10 ? 
# 
_atom_sites.entry_id                    1DN6 
_atom_sites.fract_transf_matrix[1][1]   -0.00740705 
_atom_sites.fract_transf_matrix[1][2]   0.01189176 
_atom_sites.fract_transf_matrix[1][3]   0.01706599 
_atom_sites.fract_transf_matrix[2][1]   -0.00881182 
_atom_sites.fract_transf_matrix[2][2]   0.01461590 
_atom_sites.fract_transf_matrix[2][3]   -0.01400905 
_atom_sites.fract_transf_matrix[3][1]   -0.03450662 
_atom_sites.fract_transf_matrix[3][2]   -0.02107987 
_atom_sites.fract_transf_matrix[3][3]   -0.00028804 
_atom_sites.fract_transf_vector[1]      0.279610 
_atom_sites.fract_transf_vector[2]      0.776452 
_atom_sites.fract_transf_vector[3]      0.499982 
# 
loop_
_atom_type.symbol 
C 
N 
O 
P 
# 
loop_
_atom_site.group_PDB 
_atom_site.id 
_atom_site.type_symbol 
_atom_site.label_atom_id 
_atom_site.label_alt_id 
_atom_site.label_comp_id 
_atom_site.label_asym_id 
_atom_site.label_entity_id 
_atom_site.label_seq_id 
_atom_site.pdbx_PDB_ins_code 
_atom_site.Cartn_x 
_atom_site.Cartn_y 
_atom_site.Cartn_z 
_atom_site.occupancy 
_atom_site.B_iso_or_equiv 
_atom_site.pdbx_formal_charge 
_atom_site.auth_seq_id 
_atom_site.auth_comp_id 
_atom_site.auth_asym_id 
_atom_site.auth_atom_id 
_atom_site.pdbx_PDB_model_num 
ATOM 1   O "O5'" . DG A 1 1 ? -2.062  13.730  -4.832  1.00 46.00 ? 1  DG A "O5'" 1 
ATOM 2   C "C5'" . DG A 1 1 ? -1.130  13.028  -5.708  1.00 41.00 ? 1  DG A "C5'" 1 
ATOM 3   C "C4'" . DG A 1 1 ? -1.447  12.587  -7.120  1.00 41.00 ? 1  DG A "C4'" 1 
ATOM 4   O "O4'" . DG A 1 1 ? -0.225  12.430  -7.951  1.00 41.00 ? 1  DG A "O4'" 1 
ATOM 5   C "C3'" . DG A 1 1 ? -2.240  11.295  -7.261  1.00 41.00 ? 1  DG A "C3'" 1 
ATOM 6   O "O3'" . DG A 1 1 ? -3.700  11.439  -7.221  1.00 46.00 ? 1  DG A "O3'" 1 
ATOM 7   C "C2'" . DG A 1 1 ? -1.645  10.670  -8.502  1.00 41.00 ? 1  DG A "C2'" 1 
ATOM 8   C "C1'" . DG A 1 1 ? -0.216  11.221  -8.704  1.00 41.00 ? 1  DG A "C1'" 1 
ATOM 9   N N9    . DG A 1 1 ? 0.752   10.191  -8.275  1.00 36.00 ? 1  DG A N9    1 
ATOM 10  C C8    . DG A 1 1 ? 1.190   9.968   -6.963  1.00 36.00 ? 1  DG A C8    1 
ATOM 11  N N7    . DG A 1 1 ? 2.021   8.987   -6.839  1.00 36.00 ? 1  DG A N7    1 
ATOM 12  C C5    . DG A 1 1 ? 2.147   8.498   -8.149  1.00 36.00 ? 1  DG A C5    1 
ATOM 13  C C6    . DG A 1 1 ? 2.921   7.409   -8.630  1.00 36.00 ? 1  DG A C6    1 
ATOM 14  O O6    . DG A 1 1 ? 3.675   6.650   -8.020  1.00 36.00 ? 1  DG A O6    1 
ATOM 15  N N1    . DG A 1 1 ? 2.771   7.204   -10.006 1.00 36.00 ? 1  DG A N1    1 
ATOM 16  C C2    . DG A 1 1 ? 1.991   8.002   -10.818 1.00 36.00 ? 1  DG A C2    1 
ATOM 17  N N2    . DG A 1 1 ? 2.041   7.615   -12.109 1.00 36.00 ? 1  DG A N2    1 
ATOM 18  N N3    . DG A 1 1 ? 1.260   9.027   -10.366 1.00 36.00 ? 1  DG A N3    1 
ATOM 19  C C4    . DG A 1 1 ? 1.377   9.220   -9.039  1.00 36.00 ? 1  DG A C4    1 
ATOM 20  P P     . DG A 1 2 ? -4.647  10.669  -6.171  1.00 46.00 ? 2  DG A P     1 
ATOM 21  O OP1   . DG A 1 2 ? -6.110  10.642  -6.400  1.00 46.00 ? 2  DG A OP1   1 
ATOM 22  O OP2   . DG A 1 2 ? -4.350  11.314  -4.850  1.00 46.00 ? 2  DG A OP2   1 
ATOM 23  O "O5'" . DG A 1 2 ? -4.143  9.133   -6.171  1.00 46.00 ? 2  DG A "O5'" 1 
ATOM 24  C "C5'" . DG A 1 2 ? -4.868  7.933   -6.411  1.00 41.00 ? 2  DG A "C5'" 1 
ATOM 25  C "C4'" . DG A 1 2 ? -4.742  7.385   -7.819  1.00 41.00 ? 2  DG A "C4'" 1 
ATOM 26  O "O4'" . DG A 1 2 ? -3.701  8.039   -8.569  1.00 41.00 ? 2  DG A "O4'" 1 
ATOM 27  C "C3'" . DG A 1 2 ? -4.521  5.888   -8.070  1.00 41.00 ? 2  DG A "C3'" 1 
ATOM 28  O "O3'" . DG A 1 2 ? -5.622  5.043   -8.117  1.00 46.00 ? 2  DG A "O3'" 1 
ATOM 29  C "C2'" . DG A 1 2 ? -4.018  5.857   -9.524  1.00 41.00 ? 2  DG A "C2'" 1 
ATOM 30  C "C1'" . DG A 1 2 ? -3.135  7.068   -9.474  1.00 41.00 ? 2  DG A "C1'" 1 
ATOM 31  N N9    . DG A 1 2 ? -1.846  6.611   -8.941  1.00 36.00 ? 2  DG A N9    1 
ATOM 32  C C8    . DG A 1 2 ? -1.334  6.929   -7.711  1.00 36.00 ? 2  DG A C8    1 
ATOM 33  N N7    . DG A 1 2 ? -0.174  6.392   -7.489  1.00 36.00 ? 2  DG A N7    1 
ATOM 34  C C5    . DG A 1 2 ? 0.095   5.683   -8.660  1.00 36.00 ? 2  DG A C5    1 
ATOM 35  C C6    . DG A 1 2 ? 1.231   4.905   -8.966  1.00 36.00 ? 2  DG A C6    1 
ATOM 36  O O6    . DG A 1 2 ? 2.213   4.676   -8.246  1.00 36.00 ? 2  DG A O6    1 
ATOM 37  N N1    . DG A 1 2 ? 1.131   4.378   -10.253 1.00 36.00 ? 2  DG A N1    1 
ATOM 38  C C2    . DG A 1 2 ? 0.051   4.541   -11.094 1.00 36.00 ? 2  DG A C2    1 
ATOM 39  N N2    . DG A 1 2 ? 0.210   3.869   -12.268 1.00 36.00 ? 2  DG A N2    1 
ATOM 40  N N3    . DG A 1 2 ? -1.023  5.264   -10.793 1.00 36.00 ? 2  DG A N3    1 
ATOM 41  C C4    . DG A 1 2 ? -0.926  5.806   -9.569  1.00 36.00 ? 2  DG A C4    1 
ATOM 42  P P     . DA A 1 3 ? -6.860  4.644   -7.233  1.00 46.00 ? 3  DA A P     1 
ATOM 43  O OP1   . DA A 1 3 ? -7.725  5.859   -7.156  1.00 46.00 ? 3  DA A OP1   1 
ATOM 44  O OP2   . DA A 1 3 ? -6.463  4.174   -5.867  1.00 46.00 ? 3  DA A OP2   1 
ATOM 45  O "O5'" . DA A 1 3 ? -7.575  3.568   -8.212  1.00 46.00 ? 3  DA A "O5'" 1 
ATOM 46  C "C5'" . DA A 1 3 ? -6.994  3.076   -9.434  1.00 41.00 ? 3  DA A "C5'" 1 
ATOM 47  C "C4'" . DA A 1 3 ? -5.721  2.321   -9.409  1.00 41.00 ? 3  DA A "C4'" 1 
ATOM 48  O "O4'" . DA A 1 3 ? -4.522  3.071   -9.810  1.00 41.00 ? 3  DA A "O4'" 1 
ATOM 49  C "C3'" . DA A 1 3 ? -5.170  1.521   -8.186  1.00 41.00 ? 3  DA A "C3'" 1 
ATOM 50  O "O3'" . DA A 1 3 ? -6.016  0.618   -7.496  1.00 46.00 ? 3  DA A "O3'" 1 
ATOM 51  C "C2'" . DA A 1 3 ? -3.995  0.903   -8.991  1.00 41.00 ? 3  DA A "C2'" 1 
ATOM 52  C "C1'" . DA A 1 3 ? -3.355  2.212   -9.625  1.00 41.00 ? 3  DA A "C1'" 1 
ATOM 53  N N9    . DA A 1 3 ? -2.308  2.619   -8.646  1.00 36.00 ? 3  DA A N9    1 
ATOM 54  C C8    . DA A 1 3 ? -2.288  3.709   -7.814  1.00 36.00 ? 3  DA A C8    1 
ATOM 55  N N7    . DA A 1 3 ? -1.256  3.748   -6.995  1.00 36.00 ? 3  DA A N7    1 
ATOM 56  C C5    . DA A 1 3 ? -0.539  2.609   -7.308  1.00 36.00 ? 3  DA A C5    1 
ATOM 57  C C6    . DA A 1 3 ? 0.653   2.092   -6.782  1.00 36.00 ? 3  DA A C6    1 
ATOM 58  N N6    . DA A 1 3 ? 1.329   2.740   -5.798  1.00 36.00 ? 3  DA A N6    1 
ATOM 59  N N1    . DA A 1 3 ? 1.107   0.914   -7.306  1.00 36.00 ? 3  DA A N1    1 
ATOM 60  C C2    . DA A 1 3 ? 0.390   0.323   -8.265  1.00 36.00 ? 3  DA A C2    1 
ATOM 61  N N3    . DA A 1 3 ? -0.753  0.698   -8.824  1.00 36.00 ? 3  DA A N3    1 
ATOM 62  C C4    . DA A 1 3 ? -1.148  1.883   -8.310  1.00 36.00 ? 3  DA A C4    1 
ATOM 63  P P     . DT A 1 4 ? -6.084  -0.608  -6.477  1.00 46.00 ? 4  DT A P     1 
ATOM 64  O OP1   . DT A 1 4 ? -7.439  -1.192  -6.190  1.00 46.00 ? 4  DT A OP1   1 
ATOM 65  O OP2   . DT A 1 4 ? -5.360  -0.121  -5.289  1.00 46.00 ? 4  DT A OP2   1 
ATOM 66  O "O5'" . DT A 1 4 ? -5.316  -1.779  -7.232  1.00 46.00 ? 4  DT A "O5'" 1 
ATOM 67  C "C5'" . DT A 1 4 ? -5.945  -2.797  -8.062  1.00 41.00 ? 4  DT A "C5'" 1 
ATOM 68  C "C4'" . DT A 1 4 ? -4.863  -3.874  -8.131  1.00 41.00 ? 4  DT A "C4'" 1 
ATOM 69  O "O4'" . DT A 1 4 ? -3.724  -3.124  -8.616  1.00 41.00 ? 4  DT A "O4'" 1 
ATOM 70  C "C3'" . DT A 1 4 ? -4.439  -4.455  -6.792  1.00 41.00 ? 4  DT A "C3'" 1 
ATOM 71  O "O3'" . DT A 1 4 ? -5.018  -5.726  -6.497  1.00 46.00 ? 4  DT A "O3'" 1 
ATOM 72  C "C2'" . DT A 1 4 ? -2.978  -4.667  -6.989  1.00 41.00 ? 4  DT A "C2'" 1 
ATOM 73  C "C1'" . DT A 1 4 ? -2.569  -3.441  -7.824  1.00 41.00 ? 4  DT A "C1'" 1 
ATOM 74  N N1    . DT A 1 4 ? -2.072  -2.392  -6.927  1.00 36.00 ? 4  DT A N1    1 
ATOM 75  C C2    . DT A 1 4 ? -0.962  -2.674  -6.101  1.00 36.00 ? 4  DT A C2    1 
ATOM 76  O O2    . DT A 1 4 ? -0.437  -3.776  -6.102  1.00 36.00 ? 4  DT A O2    1 
ATOM 77  N N3    . DT A 1 4 ? -0.553  -1.665  -5.269  1.00 36.00 ? 4  DT A N3    1 
ATOM 78  C C4    . DT A 1 4 ? -1.149  -0.413  -5.181  1.00 36.00 ? 4  DT A C4    1 
ATOM 79  O O4    . DT A 1 4 ? -0.720  0.407   -4.394  1.00 36.00 ? 4  DT A O4    1 
ATOM 80  C C5    . DT A 1 4 ? -2.263  -0.169  -6.074  1.00 36.00 ? 4  DT A C5    1 
ATOM 81  C C7    . DT A 1 4 ? -2.961  1.152   -6.026  1.00 36.00 ? 4  DT A C7    1 
ATOM 82  C C6    . DT A 1 4 ? -2.658  -1.134  -6.910  1.00 36.00 ? 4  DT A C6    1 
ATOM 83  P P     . DG A 1 5 ? -5.651  -6.008  -5.087  1.00 46.00 ? 5  DG A P     1 
ATOM 84  O OP1   . DG A 1 5 ? -7.080  -6.465  -5.314  1.00 46.00 ? 5  DG A OP1   1 
ATOM 85  O OP2   . DG A 1 5 ? -5.485  -4.870  -4.162  1.00 46.00 ? 5  DG A OP2   1 
ATOM 86  O "O5'" . DG A 1 5 ? -4.980  -7.278  -4.386  1.00 46.00 ? 5  DG A "O5'" 1 
ATOM 87  C "C5'" . DG A 1 5 ? -3.817  -7.996  -4.781  1.00 41.00 ? 5  DG A "C5'" 1 
ATOM 88  C "C4'" . DG A 1 5 ? -2.654  -7.312  -4.214  1.00 41.00 ? 5  DG A "C4'" 1 
ATOM 89  O "O4'" . DG A 1 5 ? -2.653  -5.838  -4.461  1.00 41.00 ? 5  DG A "O4'" 1 
ATOM 90  C "C3'" . DG A 1 5 ? -2.268  -7.214  -2.756  1.00 41.00 ? 5  DG A "C3'" 1 
ATOM 91  O "O3'" . DG A 1 5 ? -2.115  -8.259  -1.843  1.00 46.00 ? 5  DG A "O3'" 1 
ATOM 92  C "C2'" . DG A 1 5 ? -0.851  -6.710  -3.213  1.00 41.00 ? 5  DG A "C2'" 1 
ATOM 93  C "C1'" . DG A 1 5 ? -1.344  -5.483  -3.988  1.00 41.00 ? 5  DG A "C1'" 1 
ATOM 94  N N9    . DG A 1 5 ? -1.264  -4.236  -3.228  1.00 36.00 ? 5  DG A N9    1 
ATOM 95  C C8    . DG A 1 5 ? -2.023  -3.083  -3.283  1.00 36.00 ? 5  DG A C8    1 
ATOM 96  N N7    . DG A 1 5 ? -1.631  -2.127  -2.502  1.00 36.00 ? 5  DG A N7    1 
ATOM 97  C C5    . DG A 1 5 ? -0.529  -2.659  -1.853  1.00 36.00 ? 5  DG A C5    1 
ATOM 98  C C6    . DG A 1 5 ? 0.318   -2.123  -0.862  1.00 36.00 ? 5  DG A C6    1 
ATOM 99  O O6    . DG A 1 5 ? 0.218   -0.977  -0.374  1.00 36.00 ? 5  DG A O6    1 
ATOM 100 N N1    . DG A 1 5 ? 1.332   -2.996  -0.499  1.00 36.00 ? 5  DG A N1    1 
ATOM 101 C C2    . DG A 1 5 ? 1.504   -4.246  -0.989  1.00 36.00 ? 5  DG A C2    1 
ATOM 102 N N2    . DG A 1 5 ? 2.484   -5.033  -0.543  1.00 36.00 ? 5  DG A N2    1 
ATOM 103 N N3    . DG A 1 5 ? 0.724   -4.780  -1.898  1.00 36.00 ? 5  DG A N3    1 
ATOM 104 C C4    . DG A 1 5 ? -0.272  -3.927  -2.287  1.00 36.00 ? 5  DG A C4    1 
ATOM 105 P P     . DG A 1 6 ? -2.719  -9.707  -1.653  1.00 46.00 ? 6  DG A P     1 
ATOM 106 O OP1   . DG A 1 6 ? -1.708  -10.683 -2.116  1.00 46.00 ? 6  DG A OP1   1 
ATOM 107 O OP2   . DG A 1 6 ? -4.005  -9.683  -2.434  1.00 46.00 ? 6  DG A OP2   1 
ATOM 108 O "O5'" . DG A 1 6 ? -3.038  -9.974  -0.111  1.00 46.00 ? 6  DG A "O5'" 1 
ATOM 109 C "C5'" . DG A 1 6 ? -2.778  -9.116  1.021   1.00 41.00 ? 6  DG A "C5'" 1 
ATOM 110 C "C4'" . DG A 1 6 ? -1.336  -9.365  1.316   1.00 41.00 ? 6  DG A "C4'" 1 
ATOM 111 O "O4'" . DG A 1 6 ? -0.484  -8.674  0.437   1.00 41.00 ? 6  DG A "O4'" 1 
ATOM 112 C "C3'" . DG A 1 6 ? -0.762  -9.190  2.680   1.00 41.00 ? 6  DG A "C3'" 1 
ATOM 113 O "O3'" . DG A 1 6 ? -0.420  -10.580 3.100   1.00 46.00 ? 6  DG A "O3'" 1 
ATOM 114 C "C2'" . DG A 1 6 ? 0.490   -8.378  2.569   1.00 41.00 ? 6  DG A "C2'" 1 
ATOM 115 C "C1'" . DG A 1 6 ? 0.466   -7.862  1.122   1.00 41.00 ? 6  DG A "C1'" 1 
ATOM 116 N N9    . DG A 1 6 ? -0.014  -6.469  1.102   1.00 36.00 ? 6  DG A N9    1 
ATOM 117 C C8    . DG A 1 6 ? -1.158  -5.945  0.511   1.00 36.00 ? 6  DG A C8    1 
ATOM 118 N N7    . DG A 1 6 ? -1.322  -4.668  0.698   1.00 36.00 ? 6  DG A N7    1 
ATOM 119 C C5    . DG A 1 6 ? -0.232  -4.318  1.484   1.00 36.00 ? 6  DG A C5    1 
ATOM 120 C C6    . DG A 1 6 ? 0.124   -3.050  2.026   1.00 36.00 ? 6  DG A C6    1 
ATOM 121 O O6    . DG A 1 6 ? -0.492  -1.958  1.889   1.00 36.00 ? 6  DG A O6    1 
ATOM 122 N N1    . DG A 1 6 ? 1.326   -3.091  2.740   1.00 36.00 ? 6  DG A N1    1 
ATOM 123 C C2    . DG A 1 6 ? 2.089   -4.250  2.929   1.00 36.00 ? 6  DG A C2    1 
ATOM 124 N N2    . DG A 1 6 ? 3.216   -4.044  3.692   1.00 36.00 ? 6  DG A N2    1 
ATOM 125 N N3    . DG A 1 6 ? 1.763   -5.458  2.436   1.00 36.00 ? 6  DG A N3    1 
ATOM 126 C C4    . DG A 1 6 ? 0.601   -5.398  1.731   1.00 36.00 ? 6  DG A C4    1 
ATOM 127 P P     . DG A 1 7 ? -0.923  -10.978 4.593   1.00 46.00 ? 7  DG A P     1 
ATOM 128 O OP1   . DG A 1 7 ? -0.298  -12.243 5.085   1.00 46.00 ? 7  DG A OP1   1 
ATOM 129 O OP2   . DG A 1 7 ? -2.417  -10.900 4.606   1.00 46.00 ? 7  DG A OP2   1 
ATOM 130 O "O5'" . DG A 1 7 ? -0.357  -9.652  5.398   1.00 46.00 ? 7  DG A "O5'" 1 
ATOM 131 C "C5'" . DG A 1 7 ? 1.091   -9.444  5.489   1.00 41.00 ? 7  DG A "C5'" 1 
ATOM 132 C "C4'" . DG A 1 7 ? 1.322   -8.481  6.670   1.00 41.00 ? 7  DG A "C4'" 1 
ATOM 133 O "O4'" . DG A 1 7 ? 0.979   -7.301  5.898   1.00 41.00 ? 7  DG A "O4'" 1 
ATOM 134 C "C3'" . DG A 1 7 ? 0.468   -8.579  7.920   1.00 41.00 ? 7  DG A "C3'" 1 
ATOM 135 O "O3'" . DG A 1 7 ? 0.937   -8.616  9.299   1.00 46.00 ? 7  DG A "O3'" 1 
ATOM 136 C "C2'" . DG A 1 7 ? -0.579  -7.483  7.693   1.00 41.00 ? 7  DG A "C2'" 1 
ATOM 137 C "C1'" . DG A 1 7 ? 0.192   -6.527  6.799   1.00 41.00 ? 7  DG A "C1'" 1 
ATOM 138 N N9    . DG A 1 7 ? -0.657  -5.468  6.226   1.00 36.00 ? 7  DG A N9    1 
ATOM 139 C C8    . DG A 1 7 ? -1.542  -5.471  5.188   1.00 36.00 ? 7  DG A C8    1 
ATOM 140 N N7    . DG A 1 7 ? -2.113  -4.329  4.982   1.00 36.00 ? 7  DG A N7    1 
ATOM 141 C C5    . DG A 1 7 ? -1.582  -3.494  5.948   1.00 36.00 ? 7  DG A C5    1 
ATOM 142 C C6    . DG A 1 7 ? -1.835  -2.129  6.224   1.00 36.00 ? 7  DG A C6    1 
ATOM 143 O O6    . DG A 1 7 ? -2.618  -1.377  5.617   1.00 36.00 ? 7  DG A O6    1 
ATOM 144 N N1    . DG A 1 7 ? -1.079  -1.679  7.311   1.00 36.00 ? 7  DG A N1    1 
ATOM 145 C C2    . DG A 1 7 ? -0.173  -2.432  8.018   1.00 36.00 ? 7  DG A C2    1 
ATOM 146 N N2    . DG A 1 7 ? 0.476   -1.819  9.020   1.00 36.00 ? 7  DG A N2    1 
ATOM 147 N N3    . DG A 1 7 ? 0.061   -3.695  7.781   1.00 36.00 ? 7  DG A N3    1 
ATOM 148 C C4    . DG A 1 7 ? -0.646  -4.154  6.698   1.00 36.00 ? 7  DG A C4    1 
ATOM 149 P P     . DA A 1 8 ? 0.462   -9.658  10.481  1.00 46.00 ? 8  DA A P     1 
ATOM 150 O OP1   . DA A 1 8 ? 1.318   -10.921 10.508  1.00 46.00 ? 8  DA A OP1   1 
ATOM 151 O OP2   . DA A 1 8 ? -0.973  -10.034 10.320  1.00 46.00 ? 8  DA A OP2   1 
ATOM 152 O "O5'" . DA A 1 8 ? 0.782   -8.996  11.904  1.00 46.00 ? 8  DA A "O5'" 1 
ATOM 153 C "C5'" . DA A 1 8 ? 1.513   -7.791  12.167  1.00 41.00 ? 8  DA A "C5'" 1 
ATOM 154 C "C4'" . DA A 1 8 ? 0.565   -6.618  12.180  1.00 41.00 ? 8  DA A "C4'" 1 
ATOM 155 O "O4'" . DA A 1 8 ? 0.524   -6.020  10.797  1.00 41.00 ? 8  DA A "O4'" 1 
ATOM 156 C "C3'" . DA A 1 8 ? -0.896  -6.908  12.568  1.00 41.00 ? 8  DA A "C3'" 1 
ATOM 157 O "O3'" . DA A 1 8 ? -1.545  -5.992  13.483  1.00 46.00 ? 8  DA A "O3'" 1 
ATOM 158 C "C2'" . DA A 1 8 ? -1.542  -6.838  11.156  1.00 41.00 ? 8  DA A "C2'" 1 
ATOM 159 C "C1'" . DA A 1 8 ? -0.778  -5.507  10.795  1.00 41.00 ? 8  DA A "C1'" 1 
ATOM 160 N N9    . DA A 1 8 ? -1.595  -4.596  10.045  1.00 36.00 ? 8  DA A N9    1 
ATOM 161 C C8    . DA A 1 8 ? -2.373  -4.802  8.942   1.00 36.00 ? 8  DA A C8    1 
ATOM 162 N N7    . DA A 1 8 ? -3.053  -3.774  8.529   1.00 36.00 ? 8  DA A N7    1 
ATOM 163 C C5    . DA A 1 8 ? -2.815  -2.828  9.502   1.00 36.00 ? 8  DA A C5    1 
ATOM 164 C C6    . DA A 1 8 ? -3.245  -1.487  9.659   1.00 36.00 ? 8  DA A C6    1 
ATOM 165 N N6    . DA A 1 8 ? -4.097  -0.930  8.842   1.00 36.00 ? 8  DA A N6    1 
ATOM 166 N N1    . DA A 1 8 ? -2.846  -0.802  10.743  1.00 36.00 ? 8  DA A N1    1 
ATOM 167 C C2    . DA A 1 8 ? -1.971  -1.402  11.594  1.00 36.00 ? 8  DA A C2    1 
ATOM 168 N N3    . DA A 1 8 ? -1.500  -2.647  11.547  1.00 36.00 ? 8  DA A N3    1 
ATOM 169 C C4    . DA A 1 8 ? -1.942  -3.312  10.447  1.00 36.00 ? 8  DA A C4    1 
ATOM 170 P P     . DG A 1 9 ? -2.618  -6.503  14.539  1.00 46.00 ? 9  DG A P     1 
ATOM 171 O OP1   . DG A 1 9 ? -1.790  -7.033  15.684  1.00 46.00 ? 9  DG A OP1   1 
ATOM 172 O OP2   . DG A 1 9 ? -3.502  -7.544  13.967  1.00 46.00 ? 9  DG A OP2   1 
ATOM 173 O "O5'" . DG A 1 9 ? -3.384  -5.242  15.086  1.00 46.00 ? 9  DG A "O5'" 1 
ATOM 174 C "C5'" . DG A 1 9 ? -3.281  -4.573  16.312  1.00 41.00 ? 9  DG A "C5'" 1 
ATOM 175 C "C4'" . DG A 1 9 ? -3.318  -3.080  16.352  1.00 41.00 ? 9  DG A "C4'" 1 
ATOM 176 O "O4'" . DG A 1 9 ? -2.419  -2.608  15.322  1.00 41.00 ? 9  DG A "O4'" 1 
ATOM 177 C "C3'" . DG A 1 9 ? -4.627  -2.305  16.291  1.00 41.00 ? 9  DG A "C3'" 1 
ATOM 178 O "O3'" . DG A 1 9 ? -5.233  -1.851  17.524  1.00 46.00 ? 9  DG A "O3'" 1 
ATOM 179 C "C2'" . DG A 1 9 ? -4.265  -1.067  15.492  1.00 41.00 ? 9  DG A "C2'" 1 
ATOM 180 C "C1'" . DG A 1 9 ? -3.211  -1.685  14.570  1.00 41.00 ? 9  DG A "C1'" 1 
ATOM 181 N N9    . DG A 1 9 ? -3.846  -2.385  13.440  1.00 36.00 ? 9  DG A N9    1 
ATOM 182 C C8    . DG A 1 9 ? -3.680  -3.646  12.991  1.00 36.00 ? 9  DG A C8    1 
ATOM 183 N N7    . DG A 1 9 ? -4.350  -3.939  11.943  1.00 36.00 ? 9  DG A N7    1 
ATOM 184 C C5    . DG A 1 9 ? -5.056  -2.776  11.652  1.00 36.00 ? 9  DG A C5    1 
ATOM 185 C C6    . DG A 1 9 ? -5.966  -2.467  10.591  1.00 36.00 ? 9  DG A C6    1 
ATOM 186 O O6    . DG A 1 9 ? -6.302  -3.285  9.713   1.00 36.00 ? 9  DG A O6    1 
ATOM 187 N N1    . DG A 1 9 ? -6.373  -1.134  10.674  1.00 36.00 ? 9  DG A N1    1 
ATOM 188 C C2    . DG A 1 9 ? -6.057  -0.241  11.642  1.00 36.00 ? 9  DG A C2    1 
ATOM 189 N N2    . DG A 1 9 ? -6.535  1.030   11.656  1.00 36.00 ? 9  DG A N2    1 
ATOM 190 N N3    . DG A 1 9 ? -5.192  -0.512  12.628  1.00 36.00 ? 9  DG A N3    1 
ATOM 191 C C4    . DG A 1 9 ? -4.758  -1.802  12.580  1.00 36.00 ? 9  DG A C4    1 
ATOM 192 O "O5'" . DC B 2 1 ? -13.066 5.850   6.209   1.00 46.00 ? 10 DC B "O5'" 1 
ATOM 193 C "C5'" . DC B 2 1 ? -13.205 5.458   7.580   1.00 41.00 ? 10 DC B "C5'" 1 
ATOM 194 C "C4'" . DC B 2 1 ? -11.964 5.289   8.436   1.00 41.00 ? 10 DC B "C4'" 1 
ATOM 195 O "O4'" . DC B 2 1 ? -12.288 4.024   9.212   1.00 41.00 ? 10 DC B "O4'" 1 
ATOM 196 C "C3'" . DC B 2 1 ? -10.564 5.153   7.885   1.00 41.00 ? 10 DC B "C3'" 1 
ATOM 197 O "O3'" . DC B 2 1 ? -9.254  5.372   8.524   1.00 46.00 ? 10 DC B "O3'" 1 
ATOM 198 C "C2'" . DC B 2 1 ? -10.666 3.624   7.710   1.00 41.00 ? 10 DC B "C2'" 1 
ATOM 199 C "C1'" . DC B 2 1 ? -11.018 3.443   9.313   1.00 41.00 ? 10 DC B "C1'" 1 
ATOM 200 N N1    . DC B 2 1 ? -10.499 2.158   9.602   1.00 36.00 ? 10 DC B N1    1 
ATOM 201 C C2    . DC B 2 1 ? -9.324  2.064   10.371  1.00 36.00 ? 10 DC B C2    1 
ATOM 202 O O2    . DC B 2 1 ? -8.803  3.079   10.845  1.00 36.00 ? 10 DC B O2    1 
ATOM 203 N N3    . DC B 2 1 ? -8.764  0.820   10.519  1.00 36.00 ? 10 DC B N3    1 
ATOM 204 C C4    . DC B 2 1 ? -9.282  -0.258  9.985   1.00 36.00 ? 10 DC B C4    1 
ATOM 205 N N4    . DC B 2 1 ? -8.765  -1.451  10.185  1.00 36.00 ? 10 DC B N4    1 
ATOM 206 C C5    . DC B 2 1 ? -10.468 -0.154  9.176   1.00 36.00 ? 10 DC B C5    1 
ATOM 207 C C6    . DC B 2 1 ? -11.027 1.034   9.018   1.00 36.00 ? 10 DC B C6    1 
ATOM 208 P P     . DT B 2 2 ? -8.040  5.833   7.557   1.00 46.00 ? 11 DT B P     1 
ATOM 209 O OP1   . DT B 2 2 ? -8.532  7.226   7.141   1.00 46.00 ? 11 DT B OP1   1 
ATOM 210 O OP2   . DT B 2 2 ? -7.714  4.948   6.435   1.00 46.00 ? 11 DT B OP2   1 
ATOM 211 O "O5'" . DT B 2 2 ? -6.740  6.135   8.409   1.00 46.00 ? 11 DT B "O5'" 1 
ATOM 212 C "C5'" . DT B 2 2 ? -6.057  7.322   8.862   1.00 41.00 ? 11 DT B "C5'" 1 
ATOM 213 C "C4'" . DT B 2 2 ? -5.081  7.037   10.006  1.00 41.00 ? 11 DT B "C4'" 1 
ATOM 214 O "O4'" . DT B 2 2 ? -5.775  5.970   10.771  1.00 41.00 ? 11 DT B "O4'" 1 
ATOM 215 C "C3'" . DT B 2 2 ? -3.737  6.467   9.652   1.00 41.00 ? 11 DT B "C3'" 1 
ATOM 216 O "O3'" . DT B 2 2 ? -2.621  7.334   9.361   1.00 46.00 ? 11 DT B "O3'" 1 
ATOM 217 C "C2'" . DT B 2 2 ? -3.408  5.483   10.767  1.00 41.00 ? 11 DT B "C2'" 1 
ATOM 218 C "C1'" . DT B 2 2 ? -4.805  4.934   11.065  1.00 41.00 ? 11 DT B "C1'" 1 
ATOM 219 N N1    . DT B 2 2 ? -5.164  3.709   10.333  1.00 36.00 ? 11 DT B N1    1 
ATOM 220 C C2    . DT B 2 2 ? -4.395  2.562   10.516  1.00 36.00 ? 11 DT B C2    1 
ATOM 221 O O2    . DT B 2 2 ? -3.423  2.560   11.238  1.00 36.00 ? 11 DT B O2    1 
ATOM 222 N N3    . DT B 2 2 ? -4.778  1.458   9.806   1.00 36.00 ? 11 DT B N3    1 
ATOM 223 C C4    . DT B 2 2 ? -5.859  1.381   8.941   1.00 36.00 ? 11 DT B C4    1 
ATOM 224 O O4    . DT B 2 2 ? -6.164  0.349   8.349   1.00 36.00 ? 11 DT B O4    1 
ATOM 225 C C5    . DT B 2 2 ? -6.613  2.616   8.784   1.00 36.00 ? 11 DT B C5    1 
ATOM 226 C C7    . DT B 2 2 ? -7.780  2.621   7.852   1.00 36.00 ? 11 DT B C7    1 
ATOM 227 C C6    . DT B 2 2 ? -6.245  3.670   9.481   1.00 36.00 ? 11 DT B C6    1 
ATOM 228 P P     . DC B 2 3 ? -2.045  7.072   7.861   1.00 46.00 ? 12 DC B P     1 
ATOM 229 O OP1   . DC B 2 3 ? -2.821  8.116   7.112   1.00 46.00 ? 12 DC B OP1   1 
ATOM 230 O OP2   . DC B 2 3 ? -2.353  5.735   7.275   1.00 46.00 ? 12 DC B OP2   1 
ATOM 231 O "O5'" . DC B 2 3 ? -0.511  7.324   7.987   1.00 46.00 ? 12 DC B "O5'" 1 
ATOM 232 C "C5'" . DC B 2 3 ? 0.402   7.314   9.030   1.00 41.00 ? 12 DC B "C5'" 1 
ATOM 233 C "C4'" . DC B 2 3 ? 0.895   6.032   9.632   1.00 41.00 ? 12 DC B "C4'" 1 
ATOM 234 O "O4'" . DC B 2 3 ? -0.176  5.229   10.202  1.00 41.00 ? 12 DC B "O4'" 1 
ATOM 235 C "C3'" . DC B 2 3 ? 1.765   5.040   8.885   1.00 41.00 ? 12 DC B "C3'" 1 
ATOM 236 O "O3'" . DC B 2 3 ? 3.160   5.429   8.705   1.00 46.00 ? 12 DC B "O3'" 1 
ATOM 237 C "C2'" . DC B 2 3 ? 1.610   3.791   9.764   1.00 41.00 ? 12 DC B "C2'" 1 
ATOM 238 C "C1'" . DC B 2 3 ? 0.163   3.813   10.304  1.00 41.00 ? 12 DC B "C1'" 1 
ATOM 239 N N1    . DC B 2 3 ? -0.713  2.962   9.503   1.00 36.00 ? 12 DC B N1    1 
ATOM 240 C C2    . DC B 2 3 ? -0.482  1.584   9.433   1.00 36.00 ? 12 DC B C2    1 
ATOM 241 O O2    . DC B 2 3 ? 0.430   1.092   10.102  1.00 36.00 ? 12 DC B O2    1 
ATOM 242 N N3    . DC B 2 3 ? -1.269  0.805   8.644   1.00 36.00 ? 12 DC B N3    1 
ATOM 243 C C4    . DC B 2 3 ? -2.240  1.362   7.923   1.00 36.00 ? 12 DC B C4    1 
ATOM 244 N N4    . DC B 2 3 ? -3.002  0.600   7.144   1.00 36.00 ? 12 DC B N4    1 
ATOM 245 C C5    . DC B 2 3 ? -2.485  2.795   7.966   1.00 36.00 ? 12 DC B C5    1 
ATOM 246 C C6    . DC B 2 3 ? -1.718  3.507   8.763   1.00 36.00 ? 12 DC B C6    1 
ATOM 247 P P     . DC B 2 4 ? 4.099   4.793   7.544   1.00 46.00 ? 13 DC B P     1 
ATOM 248 O OP1   . DC B 2 4 ? 4.619   5.918   6.671   1.00 46.00 ? 13 DC B OP1   1 
ATOM 249 O OP2   . DC B 2 4 ? 3.225   3.845   6.783   1.00 46.00 ? 13 DC B OP2   1 
ATOM 250 O "O5'" . DC B 2 4 ? 5.340   4.100   8.267   1.00 46.00 ? 13 DC B "O5'" 1 
ATOM 251 C "C5'" . DC B 2 4 ? 5.703   2.924   8.975   1.00 41.00 ? 13 DC B "C5'" 1 
ATOM 252 C "C4'" . DC B 2 4 ? 6.009   1.698   8.139   1.00 41.00 ? 13 DC B "C4'" 1 
ATOM 253 O "O4'" . DC B 2 4 ? 4.746   0.964   8.003   1.00 41.00 ? 13 DC B "O4'" 1 
ATOM 254 C "C3'" . DC B 2 4 ? 6.537   1.906   6.724   1.00 41.00 ? 13 DC B "C3'" 1 
ATOM 255 O "O3'" . DC B 2 4 ? 7.642   1.108   6.283   1.00 46.00 ? 13 DC B "O3'" 1 
ATOM 256 C "C2'" . DC B 2 4 ? 5.304   1.664   5.870   1.00 41.00 ? 13 DC B "C2'" 1 
ATOM 257 C "C1'" . DC B 2 4 ? 4.594   0.530   6.640   1.00 41.00 ? 13 DC B "C1'" 1 
ATOM 258 N N1    . DC B 2 4 ? 3.274   0.363   6.026   1.00 36.00 ? 13 DC B N1    1 
ATOM 259 C C2    . DC B 2 4 ? 3.084   -0.760  5.166   1.00 36.00 ? 13 DC B C2    1 
ATOM 260 O O2    . DC B 2 4 ? 3.986   -1.590  5.011   1.00 36.00 ? 13 DC B O2    1 
ATOM 261 N N3    . DC B 2 4 ? 1.888   -0.934  4.551   1.00 36.00 ? 13 DC B N3    1 
ATOM 262 C C4    . DC B 2 4 ? 0.901   -0.046  4.735   1.00 36.00 ? 13 DC B C4    1 
ATOM 263 N N4    . DC B 2 4 ? -0.241  -0.297  4.080   1.00 36.00 ? 13 DC B N4    1 
ATOM 264 C C5    . DC B 2 4 ? 1.073   1.097   5.590   1.00 36.00 ? 13 DC B C5    1 
ATOM 265 C C6    . DC B 2 4 ? 2.244   1.255   6.204   1.00 36.00 ? 13 DC B C6    1 
ATOM 266 P P     . DC B 2 5 ? 8.133   0.947   4.762   1.00 46.00 ? 14 DC B P     1 
ATOM 267 O OP1   . DC B 2 5 ? 8.678   2.235   4.236   1.00 46.00 ? 14 DC B OP1   1 
ATOM 268 O OP2   . DC B 2 5 ? 6.972   0.564   3.916   1.00 46.00 ? 14 DC B OP2   1 
ATOM 269 O "O5'" . DC B 2 5 ? 9.187   -0.257  4.728   1.00 46.00 ? 14 DC B "O5'" 1 
ATOM 270 C "C5'" . DC B 2 5 ? 8.808   -1.598  4.953   1.00 41.00 ? 14 DC B "C5'" 1 
ATOM 271 C "C4'" . DC B 2 5 ? 8.006   -2.317  3.965   1.00 41.00 ? 14 DC B "C4'" 1 
ATOM 272 O "O4'" . DC B 2 5 ? 6.582   -2.568  4.170   1.00 41.00 ? 14 DC B "O4'" 1 
ATOM 273 C "C3'" . DC B 2 5 ? 7.956   -1.764  2.531   1.00 41.00 ? 14 DC B "C3'" 1 
ATOM 274 O "O3'" . DC B 2 5 ? 9.223   -1.402  2.020   1.00 46.00 ? 14 DC B "O3'" 1 
ATOM 275 C "C2'" . DC B 2 5 ? 7.191   -2.976  1.941   1.00 41.00 ? 14 DC B "C2'" 1 
ATOM 276 C "C1'" . DC B 2 5 ? 5.958   -2.940  2.918   1.00 41.00 ? 14 DC B "C1'" 1 
ATOM 277 N N1    . DC B 2 5 ? 4.981   -2.024  2.318   1.00 36.00 ? 14 DC B N1    1 
ATOM 278 C C2    . DC B 2 5 ? 4.164   -2.474  1.250   1.00 36.00 ? 14 DC B C2    1 
ATOM 279 O O2    . DC B 2 5 ? 4.281   -3.649  0.890   1.00 36.00 ? 14 DC B O2    1 
ATOM 280 N N3    . DC B 2 5 ? 3.293   -1.616  0.650   1.00 36.00 ? 14 DC B N3    1 
ATOM 281 C C4    . DC B 2 5 ? 3.207   -0.332  1.066   1.00 36.00 ? 14 DC B C4    1 
ATOM 282 N N4    . DC B 2 5 ? 2.353   0.521   0.459   1.00 36.00 ? 14 DC B N4    1 
ATOM 283 C C5    . DC B 2 5 ? 4.048   0.146   2.129   1.00 36.00 ? 14 DC B C5    1 
ATOM 284 C C6    . DC B 2 5 ? 4.900   -0.706  2.660   1.00 36.00 ? 14 DC B C6    1 
ATOM 285 P P     . DA B 2 6 ? 9.553   -0.215  0.980   1.00 46.00 ? 15 DA B P     1 
ATOM 286 O OP1   . DA B 2 6 ? 11.056  0.023   0.991   1.00 46.00 ? 15 DA B OP1   1 
ATOM 287 O OP2   . DA B 2 6 ? 8.753   1.005   1.364   1.00 46.00 ? 15 DA B OP2   1 
ATOM 288 O "O5'" . DA B 2 6 ? 9.170   -0.764  -0.487  1.00 46.00 ? 15 DA B "O5'" 1 
ATOM 289 C "C5'" . DA B 2 6 ? 9.930   -1.908  -0.959  1.00 41.00 ? 15 DA B "C5'" 1 
ATOM 290 C "C4'" . DA B 2 6 ? 8.937   -2.622  -1.807  1.00 41.00 ? 15 DA B "C4'" 1 
ATOM 291 O "O4'" . DA B 2 6 ? 7.660   -2.766  -1.148  1.00 41.00 ? 15 DA B "O4'" 1 
ATOM 292 C "C3'" . DA B 2 6 ? 8.594   -1.873  -3.116  1.00 41.00 ? 15 DA B "C3'" 1 
ATOM 293 O "O3'" . DA B 2 6 ? 9.751   -1.806  -3.961  1.00 46.00 ? 15 DA B "O3'" 1 
ATOM 294 C "C2'" . DA B 2 6 ? 7.413   -2.739  -3.506  1.00 41.00 ? 15 DA B "C2'" 1 
ATOM 295 C "C1'" . DA B 2 6 ? 6.678   -3.029  -2.175  1.00 41.00 ? 15 DA B "C1'" 1 
ATOM 296 N N9    . DA B 2 6 ? 5.546   -2.091  -2.084  1.00 36.00 ? 15 DA B N9    1 
ATOM 297 C C8    . DA B 2 6 ? 5.512   -0.879  -1.426  1.00 36.00 ? 15 DA B C8    1 
ATOM 298 N N7    . DA B 2 6 ? 4.370   -0.235  -1.555  1.00 36.00 ? 15 DA B N7    1 
ATOM 299 C C5    . DA B 2 6 ? 3.606   -1.080  -2.335  1.00 36.00 ? 15 DA B C5    1 
ATOM 300 C C6    . DA B 2 6 ? 2.298   -0.963  -2.839  1.00 36.00 ? 15 DA B C6    1 
ATOM 301 N N6    . DA B 2 6 ? 1.555   0.113   -2.533  1.00 36.00 ? 15 DA B N6    1 
ATOM 302 N N1    . DA B 2 6 ? 1.797   -1.978  -3.596  1.00 36.00 ? 15 DA B N1    1 
ATOM 303 C C2    . DA B 2 6 ? 2.610   -3.026  -3.832  1.00 36.00 ? 15 DA B C2    1 
ATOM 304 N N3    . DA B 2 6 ? 3.874   -3.249  -3.432  1.00 36.00 ? 15 DA B N3    1 
ATOM 305 C C4    . DA B 2 6 ? 4.313   -2.229  -2.687  1.00 36.00 ? 15 DA B C4    1 
ATOM 306 P P     . DT B 2 7 ? 9.951   -1.253  -5.485  1.00 46.00 ? 16 DT B P     1 
ATOM 307 O OP1   . DT B 2 7 ? 11.103  -1.749  -6.285  1.00 46.00 ? 16 DT B OP1   1 
ATOM 308 O OP2   . DT B 2 7 ? 9.961   0.233   -5.391  1.00 46.00 ? 16 DT B OP2   1 
ATOM 309 O "O5'" . DT B 2 7 ? 8.626   -1.946  -6.004  1.00 46.00 ? 16 DT B "O5'" 1 
ATOM 310 C "C5'" . DT B 2 7 ? 8.790   -3.432  -6.193  1.00 41.00 ? 16 DT B "C5'" 1 
ATOM 311 C "C4'" . DT B 2 7 ? 7.578   -3.741  -7.096  1.00 41.00 ? 16 DT B "C4'" 1 
ATOM 312 O "O4'" . DT B 2 7 ? 6.487   -3.311  -6.204  1.00 41.00 ? 16 DT B "O4'" 1 
ATOM 313 C "C3'" . DT B 2 7 ? 7.641   -2.831  -8.312  1.00 41.00 ? 16 DT B "C3'" 1 
ATOM 314 O "O3'" . DT B 2 7 ? 8.219   -3.182  -9.557  1.00 46.00 ? 16 DT B "O3'" 1 
ATOM 315 C "C2'" . DT B 2 7 ? 6.403   -1.984  -8.186  1.00 41.00 ? 16 DT B "C2'" 1 
ATOM 316 C "C1'" . DT B 2 7 ? 5.773   -2.251  -6.819  1.00 41.00 ? 16 DT B "C1'" 1 
ATOM 317 N N1    . DT B 2 7 ? 5.367   -1.057  -6.075  1.00 36.00 ? 16 DT B N1    1 
ATOM 318 C C2    . DT B 2 7 ? 4.052   -0.610  -6.272  1.00 36.00 ? 16 DT B C2    1 
ATOM 319 O O2    . DT B 2 7 ? 3.207   -1.104  -6.992  1.00 36.00 ? 16 DT B O2    1 
ATOM 320 N N3    . DT B 2 7 ? 3.689   0.516   -5.591  1.00 36.00 ? 16 DT B N3    1 
ATOM 321 C C4    . DT B 2 7 ? 4.489   1.253   -4.732  1.00 36.00 ? 16 DT B C4    1 
ATOM 322 O O4    . DT B 2 7 ? 4.012   2.250   -4.169  1.00 36.00 ? 16 DT B O4    1 
ATOM 323 C C5    . DT B 2 7 ? 5.827   0.742   -4.587  1.00 36.00 ? 16 DT B C5    1 
ATOM 324 C C7    . DT B 2 7 ? 6.757   1.487   -3.630  1.00 36.00 ? 16 DT B C7    1 
ATOM 325 C C6    . DT B 2 7 ? 6.205   -0.361  -5.247  1.00 36.00 ? 16 DT B C6    1 
ATOM 326 P P     . DC B 2 8 ? 8.314   -2.139  -10.799 1.00 46.00 ? 17 DC B P     1 
ATOM 327 O OP1   . DC B 2 8 ? 8.761   -2.985  -11.955 1.00 46.00 ? 17 DC B OP1   1 
ATOM 328 O OP2   . DC B 2 8 ? 9.137   -0.913  -10.593 1.00 46.00 ? 17 DC B OP2   1 
ATOM 329 O "O5'" . DC B 2 8 ? 6.809   -1.628  -11.046 1.00 46.00 ? 17 DC B "O5'" 1 
ATOM 330 C "C5'" . DC B 2 8 ? 5.961   -2.581  -11.741 1.00 41.00 ? 17 DC B "C5'" 1 
ATOM 331 C "C4'" . DC B 2 8 ? 5.066   -1.858  -12.738 1.00 41.00 ? 17 DC B "C4'" 1 
ATOM 332 O "O4'" . DC B 2 8 ? 4.214   -1.069  -11.871 1.00 41.00 ? 17 DC B "O4'" 1 
ATOM 333 C "C3'" . DC B 2 8 ? 5.810   -0.910  -13.615 1.00 41.00 ? 17 DC B "C3'" 1 
ATOM 334 O "O3'" . DC B 2 8 ? 5.352   -0.659  -14.950 1.00 46.00 ? 17 DC B "O3'" 1 
ATOM 335 C "C2'" . DC B 2 8 ? 5.804   0.409   -12.843 1.00 41.00 ? 17 DC B "C2'" 1 
ATOM 336 C "C1'" . DC B 2 8 ? 4.456   0.332   -12.168 1.00 41.00 ? 17 DC B "C1'" 1 
ATOM 337 N N1    . DC B 2 8 ? 4.403   1.067   -10.904 1.00 36.00 ? 17 DC B N1    1 
ATOM 338 C C2    . DC B 2 8 ? 3.530   2.194   -10.820 1.00 36.00 ? 17 DC B C2    1 
ATOM 339 O O2    . DC B 2 8 ? 2.881   2.536   -11.827 1.00 36.00 ? 17 DC B O2    1 
ATOM 340 N N3    . DC B 2 8 ? 3.520   2.875   -9.640  1.00 36.00 ? 17 DC B N3    1 
ATOM 341 C C4    . DC B 2 8 ? 4.241   2.449   -8.604  1.00 36.00 ? 17 DC B C4    1 
ATOM 342 N N4    . DC B 2 8 ? 4.212   3.083   -7.453  1.00 36.00 ? 17 DC B N4    1 
ATOM 343 C C5    . DC B 2 8 ? 5.104   1.312   -8.683  1.00 36.00 ? 17 DC B C5    1 
ATOM 344 C C6    . DC B 2 8 ? 5.153   0.641   -9.836  1.00 36.00 ? 17 DC B C6    1 
ATOM 345 P P     . DC B 2 9 ? 6.497   -0.158  -15.933 1.00 46.00 ? 18 DC B P     1 
ATOM 346 O OP1   . DC B 2 9 ? 6.573   -1.234  -16.996 1.00 46.00 ? 18 DC B OP1   1 
ATOM 347 O OP2   . DC B 2 9 ? 7.834   -0.121  -15.237 1.00 46.00 ? 18 DC B OP2   1 
ATOM 348 O "O5'" . DC B 2 9 ? 6.095   1.217   -16.609 1.00 46.00 ? 18 DC B "O5'" 1 
ATOM 349 C "C5'" . DC B 2 9 ? 5.359   1.432   -17.827 1.00 41.00 ? 18 DC B "C5'" 1 
ATOM 350 C "C4'" . DC B 2 9 ? 4.148   2.330   -17.643 1.00 41.00 ? 18 DC B "C4'" 1 
ATOM 351 O "O4'" . DC B 2 9 ? 3.686   2.229   -16.250 1.00 41.00 ? 18 DC B "O4'" 1 
ATOM 352 C "C3'" . DC B 2 9 ? 4.355   3.804   -17.918 1.00 41.00 ? 18 DC B "C3'" 1 
ATOM 353 O "O3'" . DC B 2 9 ? 3.370   4.613   -18.576 1.00 46.00 ? 18 DC B "O3'" 1 
ATOM 354 C "C2'" . DC B 2 9 ? 4.621   4.377   -16.532 1.00 41.00 ? 18 DC B "C2'" 1 
ATOM 355 C "C1'" . DC B 2 9 ? 3.731   3.489   -15.585 1.00 41.00 ? 18 DC B "C1'" 1 
ATOM 356 N N1    . DC B 2 9 ? 4.159   3.793   -14.216 1.00 36.00 ? 18 DC B N1    1 
ATOM 357 C C2    . DC B 2 9 ? 3.303   4.673   -13.496 1.00 36.00 ? 18 DC B C2    1 
ATOM 358 O O2    . DC B 2 9 ? 2.220   5.068   -13.966 1.00 36.00 ? 18 DC B O2    1 
ATOM 359 N N3    . DC B 2 9 ? 3.637   5.061   -12.209 1.00 36.00 ? 18 DC B N3    1 
ATOM 360 C C4    . DC B 2 9 ? 4.815   4.685   -11.699 1.00 36.00 ? 18 DC B C4    1 
ATOM 361 N N4    . DC B 2 9 ? 5.030   5.115   -10.452 1.00 36.00 ? 18 DC B N4    1 
ATOM 362 C C5    . DC B 2 9 ? 5.677   3.816   -12.443 1.00 36.00 ? 18 DC B C5    1 
ATOM 363 C C6    . DC B 2 9 ? 5.333   3.433   -13.661 1.00 36.00 ? 18 DC B C6    1 
# 
